data_4K4V
#
_entry.id   4K4V
#
_cell.length_a   63.519
_cell.length_b   63.475
_cell.length_c   101.946
_cell.angle_alpha   73.480
_cell.angle_beta   73.440
_cell.angle_gamma   73.640
#
_symmetry.space_group_name_H-M   'P 1'
#
loop_
_entity.id
_entity.type
_entity.pdbx_description
1 polymer 'RNA-directed RNA polymerase 3D-POL'
2 polymer "RNA (5'-R(*AP*AP*GP*UP*CP*UP*CP*CP*AP*GP*GP*UP*CP*UP*CP*UP*CP*UP*CP*GP*UP*CP*GP*AP*AP*A)-3')"
3 polymer "DNA/RNA (5'-R(*UP*GP*UP*UP*CP*GP*AP*CP*GP*AP*GP*AP*GP*AP*GP*A)-D(P*C)-3')"
4 non-polymer 'SULFATE ION'
5 water water
#
loop_
_entity_poly.entity_id
_entity_poly.type
_entity_poly.pdbx_seq_one_letter_code
_entity_poly.pdbx_strand_id
1 'polypeptide(L)'
;GEIQWMRPSKEVGYPIINAPSKTKLEPSAFHYVFEGVKEPAVLTKNDPRLKTDFEEAIFSKYVGNKITEVDEYMKEAVDH
YAGQLMSLDINTEQMCLEDAMYGTDGLEALDLSTSAGYPYVAMGKKKRDILNKQTRDTKEMQKLLDTYGINLPLVTYVKD
ELRSKTKVEQGKSRLIEASSLNDSVAMRMAFGNLYAAFHKNPGVITGSAVGCDPDLFWSKIPVLMEEKLFAFDYTGYDAS
LSPAWFEALKMVLEKIGFGDRVDYIDYLNHSHHLYKNKTYCVKGGMPSGMSGTSIFNSMINNLIIRTLLLKTYKGIDLDH
LKMIAYGDDVIASYPHEVDASLLAQSGKDYGLTMTPADKSATFETVTWENVTFLKRFFRADEKYPFLIHPVMPMKEIHES
IRWTKDPRNTQDHVRSLCLLAWHNGEEEYNKFLAKIRSVPIGRALDLPEYSTLYRRWLDSFGSSSHHHHHH
;
A,E
2 'polyribonucleotide' AAGUCUCCAGGUCUCUCUCGUCGAAA B,F
3 'polydeoxyribonucleotide/polyribonucleotide hybrid' UGUUCGACGAGAGAGA(DC) C,G
#
# COMPACT_ATOMS: atom_id res chain seq x y z
N GLY A 1 -59.04 2.41 9.81
CA GLY A 1 -58.60 1.81 11.06
C GLY A 1 -59.49 2.18 12.21
N GLU A 2 -59.92 1.19 12.99
CA GLU A 2 -60.85 1.42 14.08
C GLU A 2 -60.68 0.39 15.16
N ILE A 3 -60.51 0.85 16.40
CA ILE A 3 -60.50 -0.02 17.59
C ILE A 3 -61.84 -0.79 17.66
N GLN A 4 -61.90 -1.86 18.46
CA GLN A 4 -63.15 -2.64 18.56
C GLN A 4 -63.64 -2.79 19.99
N TRP A 5 -62.70 -2.97 20.92
CA TRP A 5 -63.00 -2.96 22.33
C TRP A 5 -61.70 -2.65 23.06
N MET A 6 -61.74 -2.38 24.37
CA MET A 6 -60.54 -2.10 25.15
C MET A 6 -60.88 -2.27 26.61
N ARG A 7 -59.97 -2.88 27.38
CA ARG A 7 -60.28 -3.25 28.76
C ARG A 7 -59.02 -3.49 29.60
N PRO A 8 -59.16 -3.45 30.93
CA PRO A 8 -58.04 -3.66 31.86
C PRO A 8 -57.41 -5.05 31.78
N SER A 9 -56.30 -5.15 31.05
CA SER A 9 -55.43 -6.33 31.00
C SER A 9 -55.65 -7.41 32.07
N LYS A 10 -55.77 -7.01 33.33
CA LYS A 10 -56.00 -7.97 34.41
C LYS A 10 -57.41 -8.59 34.30
N GLU A 11 -58.32 -7.88 33.62
CA GLU A 11 -59.61 -8.47 33.29
C GLU A 11 -59.38 -9.75 32.49
N VAL A 12 -58.31 -9.79 31.71
CA VAL A 12 -58.02 -10.92 30.81
C VAL A 12 -56.71 -11.61 31.21
N GLY A 13 -56.20 -11.27 32.38
CA GLY A 13 -55.03 -11.98 32.89
C GLY A 13 -53.74 -11.51 32.26
N TYR A 14 -53.80 -10.41 31.50
CA TYR A 14 -52.60 -9.84 30.89
C TYR A 14 -51.84 -8.94 31.87
N PRO A 15 -50.50 -9.00 31.81
CA PRO A 15 -49.61 -8.30 32.73
C PRO A 15 -49.65 -6.78 32.55
N ILE A 16 -49.10 -6.04 33.50
CA ILE A 16 -48.93 -4.60 33.33
C ILE A 16 -47.60 -4.46 32.60
N ILE A 17 -47.52 -3.47 31.72
CA ILE A 17 -46.29 -3.22 30.96
C ILE A 17 -45.68 -1.90 31.40
N ASN A 18 -44.38 -1.93 31.72
CA ASN A 18 -43.58 -0.74 32.02
C ASN A 18 -43.30 0.09 30.76
N ALA A 19 -44.04 1.18 30.61
CA ALA A 19 -43.79 2.13 29.53
C ALA A 19 -43.23 3.42 30.10
N PRO A 20 -41.91 3.69 29.88
CA PRO A 20 -41.23 4.82 30.53
C PRO A 20 -41.89 6.18 30.27
N SER A 21 -41.60 7.14 31.14
CA SER A 21 -42.38 8.37 31.18
C SER A 21 -41.52 9.61 30.98
N LYS A 22 -40.22 9.48 31.24
CA LYS A 22 -39.29 10.58 31.06
C LYS A 22 -38.60 10.50 29.70
N THR A 23 -38.84 11.50 28.84
CA THR A 23 -38.06 11.65 27.61
C THR A 23 -36.57 11.66 27.88
N LYS A 24 -35.83 11.02 26.99
CA LYS A 24 -34.38 10.93 27.10
C LYS A 24 -33.76 12.14 26.40
N LEU A 25 -34.62 12.99 25.84
CA LEU A 25 -34.15 14.11 25.04
C LEU A 25 -33.85 15.31 25.91
N GLU A 26 -32.57 15.64 26.07
CA GLU A 26 -32.21 16.83 26.84
C GLU A 26 -31.49 17.89 25.97
N PRO A 27 -31.68 19.18 26.32
CA PRO A 27 -31.01 20.20 25.49
C PRO A 27 -29.50 20.05 25.56
N SER A 28 -28.85 20.51 24.51
CA SER A 28 -27.46 20.20 24.24
C SER A 28 -26.67 21.45 24.37
N ALA A 29 -25.35 21.32 24.37
CA ALA A 29 -24.47 22.48 24.31
C ALA A 29 -24.96 23.53 23.31
N PHE A 30 -25.62 23.08 22.25
CA PHE A 30 -25.98 23.95 21.12
C PHE A 30 -27.42 24.41 21.18
N HIS A 31 -28.09 24.19 22.30
CA HIS A 31 -29.51 24.52 22.36
C HIS A 31 -29.83 25.99 22.02
N TYR A 32 -28.92 26.91 22.35
CA TYR A 32 -29.17 28.35 22.20
C TYR A 32 -28.41 29.01 21.05
N VAL A 33 -27.36 28.36 20.57
CA VAL A 33 -26.73 28.80 19.32
C VAL A 33 -27.74 28.87 18.18
N PHE A 34 -28.47 27.79 17.97
CA PHE A 34 -29.37 27.73 16.82
C PHE A 34 -30.80 27.99 17.25
N GLU A 35 -31.66 28.31 16.29
CA GLU A 35 -33.08 28.51 16.59
C GLU A 35 -33.90 27.28 16.16
N GLY A 36 -34.91 26.94 16.95
CA GLY A 36 -35.80 25.84 16.64
C GLY A 36 -37.09 25.90 17.45
N VAL A 37 -38.18 25.43 16.87
CA VAL A 37 -39.47 25.43 17.56
C VAL A 37 -39.91 24.05 18.10
N LYS A 38 -39.10 23.02 17.88
CA LYS A 38 -39.56 21.65 18.17
C LYS A 38 -39.21 21.20 19.57
N GLU A 39 -40.12 20.43 20.14
CA GLU A 39 -40.05 19.91 21.51
C GLU A 39 -40.28 18.39 21.54
N PRO A 40 -39.78 17.71 22.60
CA PRO A 40 -39.96 16.27 22.86
C PRO A 40 -41.42 15.84 22.99
N ALA A 41 -41.93 15.03 22.08
CA ALA A 41 -43.36 14.63 22.08
C ALA A 41 -43.81 14.09 23.44
N VAL A 42 -45.11 14.19 23.71
CA VAL A 42 -45.68 13.92 25.03
C VAL A 42 -45.88 12.44 25.32
N LEU A 43 -45.59 12.06 26.57
CA LEU A 43 -45.41 10.67 26.97
C LEU A 43 -46.41 10.19 28.04
N THR A 44 -46.97 11.13 28.82
CA THR A 44 -47.93 10.77 29.87
C THR A 44 -49.09 11.77 29.93
N LYS A 45 -50.12 11.44 30.70
CA LYS A 45 -51.32 12.27 30.82
C LYS A 45 -51.09 13.49 31.72
N ASN A 46 -50.24 13.33 32.73
CA ASN A 46 -49.84 14.47 33.54
C ASN A 46 -48.69 15.26 32.92
N ASP A 47 -48.91 15.82 31.74
CA ASP A 47 -47.91 16.70 31.15
C ASP A 47 -48.37 18.15 31.20
N PRO A 48 -47.58 19.01 31.87
CA PRO A 48 -47.79 20.46 31.92
C PRO A 48 -48.23 21.03 30.57
N ARG A 49 -47.51 20.67 29.51
CA ARG A 49 -47.75 21.21 28.19
C ARG A 49 -49.07 20.70 27.60
N LEU A 50 -49.61 19.60 28.14
CA LEU A 50 -50.81 19.01 27.58
C LEU A 50 -51.96 20.00 27.57
N LYS A 51 -52.88 19.83 26.62
CA LYS A 51 -54.01 20.73 26.46
C LYS A 51 -55.34 19.99 26.44
N THR A 52 -55.30 18.68 26.25
CA THR A 52 -56.49 17.83 26.32
C THR A 52 -56.16 16.51 26.99
N ASP A 53 -57.12 15.59 26.96
CA ASP A 53 -56.91 14.24 27.45
C ASP A 53 -55.86 13.55 26.59
N PHE A 54 -54.90 12.91 27.25
CA PHE A 54 -53.86 12.14 26.57
C PHE A 54 -54.44 10.93 25.81
N GLU A 55 -54.94 9.95 26.56
CA GLU A 55 -55.51 8.71 26.02
C GLU A 55 -56.43 8.95 24.85
N GLU A 56 -57.33 9.91 25.02
CA GLU A 56 -58.23 10.33 23.95
C GLU A 56 -57.43 10.73 22.73
N ALA A 57 -56.49 11.64 22.97
CA ALA A 57 -55.66 12.18 21.90
C ALA A 57 -54.98 11.09 21.09
N ILE A 58 -54.08 10.34 21.75
CA ILE A 58 -53.25 9.35 21.06
C ILE A 58 -54.04 8.35 20.20
N PHE A 59 -55.11 7.77 20.73
CA PHE A 59 -55.85 6.76 19.97
C PHE A 59 -56.75 7.35 18.88
N SER A 60 -56.87 8.68 18.85
CA SER A 60 -57.69 9.36 17.85
C SER A 60 -57.30 8.98 16.42
N LYS A 61 -56.03 8.64 16.23
CA LYS A 61 -55.51 8.22 14.94
C LYS A 61 -56.38 7.18 14.22
N TYR A 62 -57.17 6.44 15.00
CA TYR A 62 -58.08 5.44 14.45
C TYR A 62 -59.43 6.05 14.11
N VAL A 63 -59.59 6.48 12.86
CA VAL A 63 -60.76 7.22 12.43
C VAL A 63 -61.90 6.32 11.97
N GLY A 64 -61.57 5.07 11.66
CA GLY A 64 -62.57 4.13 11.17
C GLY A 64 -62.20 3.62 9.80
N ASN A 65 -62.79 2.51 9.41
CA ASN A 65 -62.55 1.93 8.10
C ASN A 65 -63.72 2.23 7.17
N LYS A 66 -63.44 2.62 5.93
CA LYS A 66 -64.52 2.88 5.00
C LYS A 66 -64.76 1.65 4.17
N ILE A 67 -64.21 1.63 2.95
CA ILE A 67 -64.42 0.50 2.06
C ILE A 67 -63.99 -0.80 2.73
N THR A 68 -64.56 -1.91 2.28
CA THR A 68 -64.30 -3.23 2.88
C THR A 68 -64.31 -4.30 1.81
N GLU A 69 -64.50 -3.86 0.57
CA GLU A 69 -64.57 -4.77 -0.56
C GLU A 69 -63.80 -4.21 -1.74
N VAL A 70 -62.76 -4.93 -2.14
CA VAL A 70 -61.98 -4.63 -3.32
C VAL A 70 -62.88 -4.26 -4.51
N ASP A 71 -63.02 -2.96 -4.79
CA ASP A 71 -63.85 -2.51 -5.92
C ASP A 71 -63.18 -2.86 -7.24
N GLU A 72 -63.87 -2.58 -8.34
CA GLU A 72 -63.43 -3.06 -9.64
C GLU A 72 -62.18 -2.32 -10.11
N TYR A 73 -62.02 -1.11 -9.59
CA TYR A 73 -60.83 -0.29 -9.81
C TYR A 73 -59.60 -0.88 -9.11
N MET A 74 -59.76 -1.21 -7.83
CA MET A 74 -58.70 -1.83 -7.04
C MET A 74 -58.19 -3.12 -7.67
N LYS A 75 -59.12 -4.03 -7.99
CA LYS A 75 -58.79 -5.31 -8.62
C LYS A 75 -57.88 -5.17 -9.85
N GLU A 76 -58.06 -4.11 -10.64
CA GLU A 76 -57.21 -3.95 -11.81
C GLU A 76 -55.85 -3.37 -11.41
N ALA A 77 -55.86 -2.49 -10.41
CA ALA A 77 -54.63 -1.91 -9.87
C ALA A 77 -53.70 -3.02 -9.37
N VAL A 78 -54.32 -4.05 -8.78
CA VAL A 78 -53.60 -5.23 -8.34
C VAL A 78 -52.85 -5.90 -9.47
N ASP A 79 -53.53 -6.09 -10.58
CA ASP A 79 -52.98 -6.78 -11.74
C ASP A 79 -51.73 -6.13 -12.29
N HIS A 80 -51.82 -4.83 -12.56
CA HIS A 80 -50.68 -4.10 -13.11
C HIS A 80 -49.51 -4.16 -12.15
N TYR A 81 -49.77 -3.84 -10.88
CA TYR A 81 -48.72 -3.83 -9.86
C TYR A 81 -48.10 -5.20 -9.75
N ALA A 82 -48.93 -6.23 -9.58
CA ALA A 82 -48.45 -7.60 -9.45
C ALA A 82 -47.66 -7.98 -10.68
N GLY A 83 -48.10 -7.48 -11.83
CA GLY A 83 -47.44 -7.68 -13.09
C GLY A 83 -45.99 -7.22 -13.07
N GLN A 84 -45.77 -5.96 -12.70
CA GLN A 84 -44.41 -5.43 -12.52
C GLN A 84 -43.53 -6.31 -11.65
N LEU A 85 -44.05 -6.66 -10.47
CA LEU A 85 -43.26 -7.40 -9.51
C LEU A 85 -42.80 -8.68 -10.13
N MET A 86 -43.67 -9.25 -10.99
CA MET A 86 -43.37 -10.49 -11.69
C MET A 86 -42.11 -10.36 -12.55
N SER A 87 -41.87 -9.18 -13.13
CA SER A 87 -40.65 -8.95 -13.90
C SER A 87 -39.41 -9.25 -13.08
N LEU A 88 -39.54 -9.19 -11.76
CA LEU A 88 -38.39 -9.34 -10.88
C LEU A 88 -38.08 -10.81 -10.63
N ASP A 89 -39.09 -11.66 -10.80
CA ASP A 89 -38.95 -13.09 -10.61
C ASP A 89 -38.42 -13.31 -9.19
N ILE A 90 -39.32 -13.20 -8.22
CA ILE A 90 -38.98 -13.21 -6.80
C ILE A 90 -39.02 -14.60 -6.15
N ASN A 91 -37.88 -15.03 -5.61
CA ASN A 91 -37.82 -16.31 -4.89
C ASN A 91 -38.93 -16.40 -3.83
N THR A 92 -39.77 -17.41 -4.03
CA THR A 92 -40.99 -17.54 -3.28
C THR A 92 -40.83 -18.55 -2.18
N GLU A 93 -39.64 -19.14 -2.08
CA GLU A 93 -39.34 -20.10 -1.02
C GLU A 93 -39.42 -19.46 0.36
N GLN A 94 -39.95 -20.21 1.33
CA GLN A 94 -39.84 -19.76 2.71
C GLN A 94 -38.36 -19.53 3.04
N MET A 95 -38.07 -18.52 3.86
CA MET A 95 -36.69 -18.24 4.18
C MET A 95 -36.22 -19.19 5.26
N CYS A 96 -34.94 -19.56 5.20
CA CYS A 96 -34.34 -20.43 6.20
C CYS A 96 -34.37 -19.77 7.58
N LEU A 97 -34.84 -20.48 8.60
CA LEU A 97 -34.97 -19.85 9.93
C LEU A 97 -33.67 -19.24 10.44
N GLU A 98 -32.55 -19.88 10.12
CA GLU A 98 -31.25 -19.35 10.52
C GLU A 98 -31.04 -18.02 9.81
N ASP A 99 -31.49 -17.94 8.57
CA ASP A 99 -31.32 -16.72 7.78
C ASP A 99 -32.27 -15.65 8.30
N ALA A 100 -33.47 -16.07 8.65
CA ALA A 100 -34.49 -15.12 9.08
C ALA A 100 -34.15 -14.53 10.43
N MET A 101 -33.19 -15.13 11.12
CA MET A 101 -32.79 -14.68 12.44
C MET A 101 -31.58 -13.78 12.35
N TYR A 102 -30.54 -14.29 11.71
CA TYR A 102 -29.21 -13.68 11.73
C TYR A 102 -28.86 -13.03 10.39
N GLY A 103 -29.76 -13.15 9.42
CA GLY A 103 -29.65 -12.39 8.20
C GLY A 103 -28.91 -13.09 7.08
N THR A 104 -29.06 -12.56 5.86
CA THR A 104 -28.35 -13.07 4.68
C THR A 104 -28.20 -11.91 3.70
N ASP A 105 -27.73 -12.19 2.49
CA ASP A 105 -27.60 -11.16 1.47
C ASP A 105 -28.96 -10.49 1.22
N GLY A 106 -28.98 -9.15 1.33
CA GLY A 106 -30.20 -8.39 1.07
C GLY A 106 -31.15 -8.18 2.22
N LEU A 107 -30.89 -8.83 3.36
CA LEU A 107 -31.72 -8.72 4.58
C LEU A 107 -30.90 -8.80 5.87
N GLU A 108 -30.90 -7.72 6.65
CA GLU A 108 -30.10 -7.60 7.88
C GLU A 108 -30.62 -8.41 9.06
N ALA A 109 -29.72 -8.97 9.87
CA ALA A 109 -30.10 -9.68 11.11
C ALA A 109 -31.06 -8.87 12.00
N LEU A 110 -31.88 -9.55 12.78
CA LEU A 110 -32.75 -8.91 13.77
C LEU A 110 -31.95 -7.97 14.69
N ASP A 111 -32.59 -6.97 15.27
CA ASP A 111 -31.85 -6.01 16.09
C ASP A 111 -31.83 -6.42 17.57
N LEU A 112 -30.63 -6.68 18.08
CA LEU A 112 -30.43 -7.17 19.44
C LEU A 112 -30.50 -6.03 20.46
N SER A 113 -30.53 -4.81 19.97
CA SER A 113 -30.62 -3.66 20.84
C SER A 113 -32.06 -3.40 21.20
N THR A 114 -32.99 -4.08 20.54
CA THR A 114 -34.39 -3.78 20.80
C THR A 114 -35.15 -4.92 21.40
N SER A 115 -36.28 -4.59 22.02
CA SER A 115 -37.07 -5.53 22.79
C SER A 115 -37.72 -6.64 21.97
N ALA A 116 -37.90 -7.78 22.62
CA ALA A 116 -38.40 -8.98 21.99
C ALA A 116 -39.93 -9.04 21.96
N GLY A 117 -40.58 -8.08 22.59
CA GLY A 117 -42.04 -8.01 22.72
C GLY A 117 -42.64 -8.96 23.75
N TYR A 118 -43.94 -9.23 23.61
CA TYR A 118 -44.64 -10.15 24.48
C TYR A 118 -44.50 -11.61 24.00
N PRO A 119 -44.34 -12.57 24.93
CA PRO A 119 -44.26 -12.40 26.39
C PRO A 119 -42.86 -12.22 26.95
N TYR A 120 -41.83 -12.37 26.13
CA TYR A 120 -40.45 -12.28 26.61
C TYR A 120 -40.20 -11.11 27.58
N VAL A 121 -40.90 -10.00 27.36
CA VAL A 121 -40.61 -8.80 28.12
C VAL A 121 -41.27 -8.83 29.50
N ALA A 122 -42.39 -9.53 29.62
CA ALA A 122 -43.06 -9.65 30.93
C ALA A 122 -42.21 -10.50 31.89
N MET A 123 -41.40 -11.40 31.36
CA MET A 123 -40.46 -12.15 32.18
C MET A 123 -39.11 -11.41 32.26
N GLY A 124 -38.93 -10.41 31.42
CA GLY A 124 -37.68 -9.65 31.43
C GLY A 124 -36.60 -10.27 30.56
N LYS A 125 -37.00 -11.21 29.71
CA LYS A 125 -36.07 -11.87 28.80
C LYS A 125 -35.76 -10.94 27.61
N LYS A 126 -34.54 -11.06 27.08
CA LYS A 126 -34.09 -10.13 26.05
C LYS A 126 -33.61 -10.91 24.83
N LYS A 127 -33.84 -10.36 23.64
CA LYS A 127 -33.40 -10.95 22.37
C LYS A 127 -32.01 -11.58 22.50
N ARG A 128 -31.13 -10.90 23.23
CA ARG A 128 -29.74 -11.32 23.43
C ARG A 128 -29.64 -12.63 24.20
N ASP A 129 -30.70 -12.98 24.92
CA ASP A 129 -30.75 -14.26 25.64
C ASP A 129 -31.13 -15.46 24.80
N ILE A 130 -31.82 -15.23 23.68
CA ILE A 130 -32.20 -16.33 22.78
C ILE A 130 -31.24 -16.46 21.61
N LEU A 131 -30.60 -15.35 21.24
CA LEU A 131 -29.81 -15.26 20.01
C LEU A 131 -28.32 -15.11 20.26
N ASN A 132 -27.52 -15.94 19.60
CA ASN A 132 -26.06 -15.78 19.62
C ASN A 132 -25.54 -15.64 18.20
N LYS A 133 -24.75 -14.60 17.97
CA LYS A 133 -24.35 -14.25 16.61
C LYS A 133 -23.24 -15.11 16.02
N GLN A 134 -22.32 -15.58 16.86
CA GLN A 134 -21.24 -16.39 16.31
C GLN A 134 -21.75 -17.79 16.04
N THR A 135 -22.33 -18.42 17.05
CA THR A 135 -22.93 -19.74 16.88
C THR A 135 -23.98 -19.72 15.76
N ARG A 136 -24.73 -18.62 15.72
CA ARG A 136 -25.96 -18.56 14.96
C ARG A 136 -26.79 -19.78 15.33
N ASP A 137 -27.21 -19.83 16.59
CA ASP A 137 -27.95 -20.96 17.12
C ASP A 137 -29.44 -20.85 16.83
N THR A 138 -29.93 -21.83 16.09
CA THR A 138 -31.35 -21.89 15.78
C THR A 138 -32.18 -22.51 16.91
N LYS A 139 -31.68 -23.59 17.53
CA LYS A 139 -32.48 -24.44 18.43
C LYS A 139 -33.42 -23.69 19.39
N GLU A 140 -32.87 -22.98 20.39
CA GLU A 140 -33.71 -22.39 21.44
C GLU A 140 -34.84 -21.52 20.91
N MET A 141 -34.55 -20.75 19.87
CA MET A 141 -35.58 -20.00 19.19
C MET A 141 -36.72 -20.89 18.74
N GLN A 142 -36.35 -21.99 18.07
CA GLN A 142 -37.34 -22.91 17.53
C GLN A 142 -38.23 -23.47 18.64
N LYS A 143 -37.71 -23.66 19.86
CA LYS A 143 -38.57 -24.14 20.95
C LYS A 143 -39.61 -23.07 21.29
N LEU A 144 -39.18 -21.81 21.24
CA LEU A 144 -40.08 -20.71 21.55
C LEU A 144 -41.19 -20.50 20.50
N LEU A 145 -40.99 -20.95 19.27
CA LEU A 145 -42.10 -20.92 18.32
C LEU A 145 -43.10 -22.05 18.63
N ASP A 146 -42.58 -23.26 18.85
CA ASP A 146 -43.40 -24.38 19.31
C ASP A 146 -44.23 -23.98 20.54
N THR A 147 -43.59 -23.25 21.46
CA THR A 147 -44.21 -22.86 22.72
C THR A 147 -45.33 -21.83 22.59
N TYR A 148 -44.99 -20.65 22.08
CA TYR A 148 -45.92 -19.52 22.07
C TYR A 148 -46.59 -19.30 20.74
N GLY A 149 -46.10 -19.95 19.70
CA GLY A 149 -46.73 -19.82 18.40
C GLY A 149 -46.54 -18.46 17.76
N ILE A 150 -47.51 -18.06 16.94
CA ILE A 150 -47.41 -16.79 16.24
C ILE A 150 -48.65 -15.96 16.52
N ASN A 151 -48.75 -14.83 15.80
CA ASN A 151 -49.90 -13.94 15.92
C ASN A 151 -50.07 -13.50 17.35
N LEU A 152 -48.96 -13.13 17.97
CA LEU A 152 -48.97 -12.68 19.35
C LEU A 152 -49.29 -11.18 19.55
N PRO A 153 -49.56 -10.77 20.80
CA PRO A 153 -49.96 -9.38 20.92
C PRO A 153 -48.83 -8.40 20.72
N LEU A 154 -49.18 -7.25 20.14
CA LEU A 154 -48.25 -6.16 19.90
C LEU A 154 -48.24 -5.27 21.14
N VAL A 155 -47.06 -4.91 21.64
CA VAL A 155 -47.00 -3.98 22.78
C VAL A 155 -46.89 -2.53 22.31
N THR A 156 -47.91 -1.71 22.60
CA THR A 156 -47.93 -0.33 22.10
C THR A 156 -47.09 0.56 23.01
N TYR A 157 -46.35 1.48 22.40
CA TYR A 157 -45.48 2.44 23.07
C TYR A 157 -45.59 3.81 22.42
N VAL A 158 -45.44 4.87 23.21
CA VAL A 158 -45.32 6.23 22.70
C VAL A 158 -43.92 6.46 22.13
N LYS A 159 -43.80 7.04 20.94
CA LYS A 159 -42.44 7.35 20.46
C LYS A 159 -41.81 8.50 21.26
N ASP A 160 -40.50 8.43 21.50
CA ASP A 160 -39.76 9.52 22.15
C ASP A 160 -39.05 10.35 21.08
N GLU A 161 -39.64 11.48 20.70
CA GLU A 161 -39.15 12.26 19.56
C GLU A 161 -39.57 13.75 19.55
N LEU A 162 -38.80 14.61 18.89
CA LEU A 162 -39.21 16.02 18.79
C LEU A 162 -40.38 16.23 17.82
N ARG A 163 -41.37 17.00 18.27
CA ARG A 163 -42.50 17.34 17.42
C ARG A 163 -42.90 18.81 17.60
N SER A 164 -43.78 19.29 16.72
CA SER A 164 -44.27 20.67 16.74
C SER A 164 -45.00 21.01 18.04
N LYS A 165 -44.90 22.26 18.50
CA LYS A 165 -45.55 22.68 19.75
C LYS A 165 -47.02 22.33 19.81
N THR A 166 -47.75 22.60 18.73
CA THR A 166 -49.15 22.22 18.63
C THR A 166 -49.28 20.72 18.96
N LYS A 167 -48.64 19.87 18.16
CA LYS A 167 -48.65 18.41 18.35
C LYS A 167 -48.34 18.02 19.79
N VAL A 168 -47.45 18.78 20.42
CA VAL A 168 -47.14 18.55 21.82
C VAL A 168 -48.33 18.88 22.72
N GLU A 169 -48.83 20.10 22.62
CA GLU A 169 -49.92 20.51 23.49
C GLU A 169 -51.23 19.84 23.05
N GLN A 170 -51.44 19.71 21.75
CA GLN A 170 -52.63 19.06 21.22
C GLN A 170 -52.64 17.54 21.50
N GLY A 171 -51.52 16.97 21.92
CA GLY A 171 -51.53 15.57 22.29
C GLY A 171 -51.35 14.55 21.17
N LYS A 172 -50.72 14.92 20.08
CA LYS A 172 -50.66 14.02 18.93
C LYS A 172 -49.29 13.34 18.83
N SER A 173 -48.88 12.70 19.92
CA SER A 173 -47.66 11.89 19.93
C SER A 173 -47.83 10.64 19.08
N ARG A 174 -46.74 10.12 18.52
CA ARG A 174 -46.85 8.96 17.66
C ARG A 174 -46.75 7.66 18.46
N LEU A 175 -47.26 6.58 17.87
CA LEU A 175 -47.38 5.28 18.56
C LEU A 175 -46.65 4.16 17.84
N ILE A 176 -45.88 3.44 18.65
CA ILE A 176 -45.09 2.31 18.22
C ILE A 176 -45.83 1.02 18.62
N GLU A 177 -45.79 0.01 17.75
CA GLU A 177 -46.32 -1.31 18.11
C GLU A 177 -45.17 -2.33 18.10
N ALA A 178 -44.80 -2.82 19.28
CA ALA A 178 -43.58 -3.61 19.43
C ALA A 178 -43.82 -5.07 19.08
N SER A 179 -43.10 -5.53 18.06
CA SER A 179 -43.30 -6.87 17.54
C SER A 179 -42.80 -7.95 18.52
N SER A 180 -43.64 -8.94 18.78
CA SER A 180 -43.14 -10.13 19.46
C SER A 180 -41.98 -10.70 18.66
N LEU A 181 -40.95 -11.19 19.34
CA LEU A 181 -39.84 -11.82 18.62
C LEU A 181 -40.36 -13.00 17.79
N ASN A 182 -41.39 -13.65 18.30
CA ASN A 182 -42.06 -14.74 17.59
C ASN A 182 -42.50 -14.37 16.18
N ASP A 183 -43.26 -13.27 16.05
CA ASP A 183 -43.79 -12.96 14.73
C ASP A 183 -42.76 -12.34 13.79
N SER A 184 -41.78 -11.59 14.32
CA SER A 184 -40.75 -11.00 13.45
C SER A 184 -40.11 -12.12 12.67
N VAL A 185 -39.75 -13.15 13.41
CA VAL A 185 -39.11 -14.31 12.83
C VAL A 185 -40.01 -15.05 11.84
N ALA A 186 -41.28 -15.21 12.19
CA ALA A 186 -42.20 -15.97 11.34
C ALA A 186 -42.50 -15.18 10.09
N MET A 187 -42.63 -13.87 10.26
CA MET A 187 -42.85 -12.96 9.15
C MET A 187 -41.68 -13.05 8.17
N ARG A 188 -40.48 -13.13 8.74
CA ARG A 188 -39.28 -13.15 7.92
C ARG A 188 -39.20 -14.46 7.12
N MET A 189 -39.21 -15.61 7.81
CA MET A 189 -39.19 -16.92 7.14
C MET A 189 -40.10 -16.94 5.92
N ALA A 190 -41.29 -16.37 6.03
CA ALA A 190 -42.18 -16.21 4.87
C ALA A 190 -41.64 -15.21 3.84
N PHE A 191 -41.57 -13.95 4.25
CA PHE A 191 -41.36 -12.85 3.29
C PHE A 191 -39.90 -12.35 3.16
N GLY A 192 -38.98 -13.01 3.88
CA GLY A 192 -37.55 -12.75 3.76
C GLY A 192 -37.04 -12.67 2.34
N ASN A 193 -37.49 -13.57 1.48
CA ASN A 193 -37.10 -13.55 0.08
C ASN A 193 -37.83 -12.41 -0.62
N LEU A 194 -39.03 -12.07 -0.15
CA LEU A 194 -39.66 -10.85 -0.68
C LEU A 194 -38.90 -9.60 -0.24
N TYR A 195 -38.59 -9.49 1.05
CA TYR A 195 -37.96 -8.29 1.60
C TYR A 195 -36.68 -7.95 0.84
N ALA A 196 -35.79 -8.94 0.73
CA ALA A 196 -34.51 -8.74 0.06
C ALA A 196 -34.67 -8.25 -1.38
N ALA A 197 -35.45 -8.97 -2.18
CA ALA A 197 -35.65 -8.59 -3.58
C ALA A 197 -36.01 -7.11 -3.68
N PHE A 198 -36.84 -6.64 -2.78
CA PHE A 198 -37.11 -5.20 -2.68
C PHE A 198 -35.86 -4.41 -2.29
N HIS A 199 -35.24 -4.83 -1.19
CA HIS A 199 -34.07 -4.13 -0.71
C HIS A 199 -33.04 -4.06 -1.83
N LYS A 200 -33.03 -5.08 -2.69
CA LYS A 200 -32.03 -5.12 -3.76
C LYS A 200 -32.47 -4.34 -4.97
N ASN A 201 -33.76 -4.02 -5.05
CA ASN A 201 -34.26 -3.32 -6.23
C ASN A 201 -35.10 -2.07 -5.96
N PRO A 202 -34.52 -1.07 -5.29
CA PRO A 202 -35.21 0.23 -5.21
C PRO A 202 -35.37 0.78 -6.63
N GLY A 203 -36.50 1.44 -6.93
CA GLY A 203 -36.77 1.91 -8.26
C GLY A 203 -38.24 1.92 -8.63
N VAL A 204 -38.53 1.95 -9.93
CA VAL A 204 -39.90 2.13 -10.39
C VAL A 204 -40.60 0.85 -10.78
N ILE A 205 -39.85 -0.25 -10.80
CA ILE A 205 -40.45 -1.59 -10.96
C ILE A 205 -41.13 -1.97 -9.67
N THR A 206 -40.33 -2.09 -8.61
CA THR A 206 -40.87 -2.38 -7.28
C THR A 206 -41.73 -1.22 -6.84
N GLY A 207 -41.29 -0.01 -7.17
CA GLY A 207 -42.00 1.20 -6.75
C GLY A 207 -41.78 1.52 -5.28
N SER A 208 -40.67 1.01 -4.74
CA SER A 208 -40.26 1.33 -3.39
C SER A 208 -38.82 1.83 -3.35
N ALA A 209 -38.57 2.81 -2.46
CA ALA A 209 -37.24 3.42 -2.29
C ALA A 209 -36.45 2.76 -1.19
N VAL A 210 -37.11 1.84 -0.49
CA VAL A 210 -36.44 1.04 0.52
C VAL A 210 -35.18 0.43 -0.06
N GLY A 211 -34.04 0.89 0.45
CA GLY A 211 -32.74 0.40 0.02
C GLY A 211 -31.86 1.37 -0.76
N CYS A 212 -32.36 2.57 -1.03
CA CYS A 212 -31.54 3.52 -1.82
C CYS A 212 -30.75 4.51 -0.96
N ASP A 213 -29.46 4.64 -1.27
CA ASP A 213 -28.64 5.72 -0.71
C ASP A 213 -28.96 6.98 -1.46
N PRO A 214 -29.66 7.92 -0.81
CA PRO A 214 -30.07 9.21 -1.42
C PRO A 214 -28.92 10.01 -2.00
N ASP A 215 -27.70 9.83 -1.50
CA ASP A 215 -26.59 10.63 -2.02
C ASP A 215 -26.24 10.24 -3.44
N LEU A 216 -26.42 8.96 -3.77
CA LEU A 216 -26.11 8.50 -5.11
C LEU A 216 -27.39 8.38 -5.94
N PHE A 217 -28.48 8.07 -5.25
CA PHE A 217 -29.71 7.63 -5.89
C PHE A 217 -30.56 8.80 -6.32
N TRP A 218 -30.31 9.96 -5.72
CA TRP A 218 -31.04 11.17 -6.11
C TRP A 218 -30.83 11.52 -7.57
N SER A 219 -29.68 11.12 -8.11
CA SER A 219 -29.35 11.48 -9.49
C SER A 219 -29.93 10.47 -10.47
N LYS A 220 -30.11 9.24 -10.02
CA LYS A 220 -30.64 8.26 -10.93
C LYS A 220 -32.15 8.47 -11.08
N ILE A 221 -32.76 9.13 -10.09
CA ILE A 221 -34.21 9.24 -10.05
C ILE A 221 -34.83 10.00 -11.25
N PRO A 222 -34.38 11.25 -11.54
CA PRO A 222 -35.06 11.96 -12.65
C PRO A 222 -35.06 11.20 -14.00
N VAL A 223 -34.04 10.36 -14.20
CA VAL A 223 -33.93 9.49 -15.37
C VAL A 223 -35.10 8.51 -15.39
N LEU A 224 -35.31 7.79 -14.29
CA LEU A 224 -36.39 6.82 -14.18
C LEU A 224 -37.76 7.48 -14.04
N MET A 225 -37.94 8.69 -14.57
CA MET A 225 -39.21 9.38 -14.38
C MET A 225 -39.79 10.01 -15.63
N GLU A 226 -41.12 10.06 -15.69
CA GLU A 226 -41.78 10.73 -16.79
C GLU A 226 -41.66 12.24 -16.66
N GLU A 227 -42.35 12.98 -17.53
CA GLU A 227 -42.30 14.43 -17.46
C GLU A 227 -43.09 14.95 -16.27
N LYS A 228 -44.35 15.34 -16.47
CA LYS A 228 -45.09 15.97 -15.38
C LYS A 228 -45.13 15.12 -14.12
N LEU A 229 -44.67 15.68 -13.01
CA LEU A 229 -44.70 14.96 -11.73
C LEU A 229 -45.94 15.31 -10.93
N PHE A 230 -46.21 14.48 -9.93
CA PHE A 230 -47.28 14.76 -8.99
C PHE A 230 -46.95 14.17 -7.64
N ALA A 231 -47.52 14.77 -6.60
CA ALA A 231 -47.27 14.31 -5.24
C ALA A 231 -48.27 14.95 -4.28
N PHE A 232 -48.47 14.30 -3.13
CA PHE A 232 -49.38 14.79 -2.10
C PHE A 232 -48.94 14.31 -0.73
N ASP A 233 -49.74 14.61 0.29
CA ASP A 233 -49.43 14.22 1.66
C ASP A 233 -50.59 13.46 2.31
N TYR A 234 -50.30 12.34 2.96
CA TYR A 234 -51.31 11.57 3.68
C TYR A 234 -51.50 12.05 5.11
N THR A 235 -52.72 11.94 5.62
CA THR A 235 -52.91 12.16 7.06
C THR A 235 -53.18 10.82 7.73
N GLY A 236 -52.22 10.37 8.54
CA GLY A 236 -52.44 9.17 9.31
C GLY A 236 -52.49 7.88 8.50
N TYR A 237 -52.10 7.96 7.24
CA TYR A 237 -51.99 6.82 6.31
C TYR A 237 -52.10 5.46 6.99
N ASP A 238 -51.18 5.17 7.91
CA ASP A 238 -51.13 3.85 8.55
C ASP A 238 -52.41 3.56 9.31
N ALA A 239 -52.62 4.25 10.42
CA ALA A 239 -53.80 4.03 11.25
C ALA A 239 -55.09 4.39 10.53
N SER A 240 -55.04 4.52 9.20
CA SER A 240 -56.21 4.87 8.43
C SER A 240 -56.47 3.88 7.29
N LEU A 241 -55.51 3.01 7.02
CA LEU A 241 -55.68 1.97 6.00
C LEU A 241 -56.83 1.00 6.35
N SER A 242 -57.53 0.55 5.30
CA SER A 242 -58.79 -0.16 5.47
C SER A 242 -58.75 -1.62 4.99
N PRO A 243 -59.41 -2.51 5.74
CA PRO A 243 -59.37 -3.96 5.48
C PRO A 243 -59.38 -4.35 4.00
N ALA A 244 -60.14 -3.63 3.18
CA ALA A 244 -60.14 -3.91 1.74
C ALA A 244 -58.72 -3.95 1.16
N TRP A 245 -57.92 -2.95 1.53
CA TRP A 245 -56.55 -2.78 1.05
C TRP A 245 -55.64 -3.98 1.34
N PHE A 246 -55.77 -4.55 2.54
CA PHE A 246 -55.03 -5.76 2.85
C PHE A 246 -55.43 -6.90 1.88
N GLU A 247 -56.74 -7.03 1.62
CA GLU A 247 -57.22 -8.08 0.73
C GLU A 247 -56.61 -7.84 -0.64
N ALA A 248 -56.36 -6.57 -0.93
CA ALA A 248 -55.70 -6.20 -2.18
C ALA A 248 -54.24 -6.63 -2.14
N LEU A 249 -53.60 -6.38 -1.00
CA LEU A 249 -52.20 -6.79 -0.82
C LEU A 249 -52.08 -8.31 -0.92
N LYS A 250 -52.85 -9.03 -0.11
CA LYS A 250 -52.94 -10.50 -0.22
C LYS A 250 -53.08 -10.96 -1.68
N MET A 251 -53.93 -10.27 -2.44
CA MET A 251 -54.14 -10.57 -3.86
C MET A 251 -52.84 -10.49 -4.67
N VAL A 252 -52.13 -9.36 -4.59
CA VAL A 252 -50.81 -9.21 -5.22
C VAL A 252 -49.86 -10.32 -4.74
N LEU A 253 -49.90 -10.61 -3.45
CA LEU A 253 -49.13 -11.71 -2.86
C LEU A 253 -49.50 -13.07 -3.43
N GLU A 254 -50.79 -13.32 -3.64
CA GLU A 254 -51.22 -14.53 -4.37
C GLU A 254 -50.62 -14.51 -5.78
N LYS A 255 -50.82 -13.40 -6.50
CA LYS A 255 -50.45 -13.33 -7.90
C LYS A 255 -48.95 -13.45 -8.14
N ILE A 256 -48.13 -13.37 -7.08
CA ILE A 256 -46.67 -13.46 -7.28
C ILE A 256 -46.04 -14.70 -6.68
N GLY A 257 -46.84 -15.57 -6.05
CA GLY A 257 -46.35 -16.86 -5.60
C GLY A 257 -46.24 -16.99 -4.10
N PHE A 258 -47.01 -16.20 -3.37
CA PHE A 258 -46.91 -16.18 -1.92
C PHE A 258 -48.24 -16.58 -1.30
N GLY A 259 -49.03 -17.35 -2.06
CA GLY A 259 -50.42 -17.59 -1.72
C GLY A 259 -50.67 -18.13 -0.33
N ASP A 260 -49.78 -18.99 0.14
CA ASP A 260 -49.99 -19.66 1.42
C ASP A 260 -49.88 -18.72 2.60
N ARG A 261 -48.92 -17.81 2.54
CA ARG A 261 -48.56 -17.02 3.72
C ARG A 261 -49.47 -15.82 3.91
N VAL A 262 -50.43 -15.64 3.00
CA VAL A 262 -51.32 -14.49 3.10
C VAL A 262 -52.07 -14.44 4.44
N ASP A 263 -52.05 -15.54 5.20
CA ASP A 263 -52.55 -15.60 6.57
C ASP A 263 -52.03 -14.45 7.43
N TYR A 264 -50.76 -14.11 7.22
CA TYR A 264 -50.06 -13.19 8.12
C TYR A 264 -50.54 -11.75 7.99
N ILE A 265 -51.10 -11.43 6.83
CA ILE A 265 -51.68 -10.12 6.58
C ILE A 265 -52.92 -9.90 7.48
N ASP A 266 -53.62 -10.98 7.80
CA ASP A 266 -54.79 -10.90 8.69
C ASP A 266 -54.38 -10.53 10.11
N TYR A 267 -53.22 -11.01 10.53
CA TYR A 267 -52.71 -10.76 11.88
C TYR A 267 -52.21 -9.32 12.00
N LEU A 268 -52.09 -8.65 10.86
CA LEU A 268 -51.71 -7.24 10.82
C LEU A 268 -52.97 -6.40 10.71
N ASN A 269 -53.90 -6.85 9.88
CA ASN A 269 -55.22 -6.26 9.74
C ASN A 269 -55.99 -6.31 11.05
N HIS A 270 -55.90 -7.47 11.71
CA HIS A 270 -56.63 -7.72 12.94
C HIS A 270 -55.65 -8.07 14.01
N SER A 271 -55.43 -7.12 14.91
CA SER A 271 -54.31 -7.15 15.83
C SER A 271 -54.77 -6.85 17.23
N HIS A 272 -53.96 -7.19 18.22
CA HIS A 272 -54.34 -6.98 19.61
C HIS A 272 -53.14 -6.51 20.40
N HIS A 273 -53.38 -5.71 21.42
CA HIS A 273 -52.39 -4.73 21.84
C HIS A 273 -52.38 -4.56 23.33
N LEU A 274 -51.21 -4.42 23.91
CA LEU A 274 -51.10 -4.10 25.33
C LEU A 274 -50.54 -2.69 25.54
N TYR A 275 -51.41 -1.75 25.86
CA TYR A 275 -50.93 -0.43 26.26
C TYR A 275 -50.98 -0.32 27.78
N LYS A 276 -49.81 -0.41 28.40
CA LYS A 276 -49.72 -0.27 29.85
C LYS A 276 -50.67 -1.26 30.56
N ASN A 277 -51.75 -0.72 31.12
CA ASN A 277 -52.70 -1.55 31.87
C ASN A 277 -54.00 -1.75 31.09
N LYS A 278 -53.94 -1.51 29.78
CA LYS A 278 -55.10 -1.71 28.93
C LYS A 278 -54.76 -2.82 27.92
N THR A 279 -55.80 -3.36 27.28
CA THR A 279 -55.71 -4.39 26.23
C THR A 279 -56.77 -3.98 25.21
N TYR A 280 -56.55 -4.28 23.94
CA TYR A 280 -57.51 -3.85 22.94
C TYR A 280 -57.23 -4.44 21.56
N CYS A 281 -58.30 -4.56 20.78
CA CYS A 281 -58.27 -5.14 19.46
C CYS A 281 -58.48 -4.03 18.43
N VAL A 282 -57.95 -4.19 17.22
CA VAL A 282 -58.09 -3.18 16.17
C VAL A 282 -58.35 -3.80 14.81
N LYS A 283 -59.42 -3.37 14.15
CA LYS A 283 -59.71 -3.82 12.78
C LYS A 283 -59.23 -2.77 11.80
N GLY A 284 -58.16 -3.11 11.07
CA GLY A 284 -57.59 -2.25 10.07
C GLY A 284 -56.30 -1.59 10.53
N GLY A 285 -55.63 -0.89 9.62
CA GLY A 285 -54.43 -0.13 9.93
C GLY A 285 -53.20 -0.97 10.19
N MET A 286 -52.11 -0.65 9.49
CA MET A 286 -50.85 -1.34 9.68
C MET A 286 -50.36 -1.13 11.11
N PRO A 287 -49.65 -2.13 11.65
CA PRO A 287 -49.20 -1.92 13.03
C PRO A 287 -47.78 -1.35 13.14
N SER A 288 -47.24 -0.72 12.11
CA SER A 288 -46.01 0.09 12.25
C SER A 288 -44.74 -0.71 12.62
N GLY A 289 -44.68 -1.23 13.84
CA GLY A 289 -43.46 -1.90 14.31
C GLY A 289 -43.49 -3.41 14.12
N MET A 290 -44.30 -3.84 13.15
CA MET A 290 -44.35 -5.23 12.75
C MET A 290 -43.40 -5.43 11.57
N SER A 291 -43.04 -6.67 11.25
CA SER A 291 -42.12 -6.92 10.13
C SER A 291 -42.73 -6.45 8.82
N GLY A 292 -41.88 -6.07 7.87
CA GLY A 292 -42.35 -5.66 6.55
C GLY A 292 -43.22 -4.42 6.44
N THR A 293 -43.39 -3.67 7.54
CA THR A 293 -44.13 -2.41 7.48
C THR A 293 -43.63 -1.45 6.44
N SER A 294 -42.33 -1.36 6.27
CA SER A 294 -41.88 -0.52 5.18
C SER A 294 -42.35 -1.11 3.84
N ILE A 295 -42.21 -2.42 3.67
CA ILE A 295 -42.44 -2.97 2.34
C ILE A 295 -43.92 -3.11 2.03
N PHE A 296 -44.74 -3.32 3.04
CA PHE A 296 -46.19 -3.50 2.81
C PHE A 296 -46.86 -2.16 2.55
N ASN A 297 -46.72 -1.22 3.49
CA ASN A 297 -47.14 0.17 3.32
C ASN A 297 -46.75 0.70 1.96
N SER A 298 -45.49 0.51 1.61
CA SER A 298 -45.08 0.86 0.28
C SER A 298 -45.97 0.13 -0.72
N MET A 299 -46.00 -1.20 -0.72
CA MET A 299 -46.76 -1.96 -1.74
C MET A 299 -48.19 -1.46 -1.87
N ILE A 300 -48.89 -1.33 -0.73
CA ILE A 300 -50.22 -0.73 -0.74
C ILE A 300 -50.24 0.65 -1.37
N ASN A 301 -49.32 1.52 -0.96
CA ASN A 301 -49.21 2.83 -1.60
C ASN A 301 -49.18 2.73 -3.13
N ASN A 302 -48.52 1.70 -3.67
CA ASN A 302 -48.48 1.49 -5.13
C ASN A 302 -49.86 1.20 -5.71
N LEU A 303 -50.74 0.64 -4.88
CA LEU A 303 -52.06 0.20 -5.29
C LEU A 303 -53.01 1.38 -5.31
N ILE A 304 -52.93 2.18 -4.25
CA ILE A 304 -53.74 3.39 -4.11
C ILE A 304 -53.62 4.37 -5.29
N ILE A 305 -52.42 4.91 -5.50
CA ILE A 305 -52.22 5.82 -6.63
C ILE A 305 -52.72 5.17 -7.91
N ARG A 306 -52.35 3.91 -8.14
CA ARG A 306 -52.81 3.14 -9.31
C ARG A 306 -54.35 3.14 -9.39
N THR A 307 -54.99 2.84 -8.27
CA THR A 307 -56.45 2.86 -8.18
C THR A 307 -56.96 4.26 -8.51
N LEU A 308 -56.81 5.17 -7.55
CA LEU A 308 -57.31 6.55 -7.62
C LEU A 308 -57.07 7.27 -8.96
N LEU A 309 -55.98 6.91 -9.65
CA LEU A 309 -55.79 7.38 -11.01
C LEU A 309 -56.97 6.90 -11.86
N LEU A 310 -57.17 5.59 -11.90
CA LEU A 310 -58.25 4.97 -12.70
C LEU A 310 -59.64 5.56 -12.42
N LYS A 311 -60.01 5.69 -11.16
CA LYS A 311 -61.30 6.28 -10.78
C LYS A 311 -61.52 7.66 -11.43
N THR A 312 -60.41 8.33 -11.78
CA THR A 312 -60.47 9.67 -12.36
C THR A 312 -60.07 9.69 -13.84
N TYR A 313 -58.88 9.18 -14.14
CA TYR A 313 -58.43 9.09 -15.53
C TYR A 313 -58.81 7.74 -16.12
N LYS A 314 -60.11 7.50 -16.28
CA LYS A 314 -60.58 6.33 -17.00
C LYS A 314 -59.93 6.40 -18.37
N GLY A 315 -59.29 5.32 -18.79
CA GLY A 315 -58.43 5.39 -19.94
C GLY A 315 -57.18 6.15 -19.55
N ILE A 316 -56.37 5.57 -18.66
CA ILE A 316 -54.99 6.03 -18.48
C ILE A 316 -54.08 4.81 -18.51
N ASP A 317 -53.04 4.87 -19.34
CA ASP A 317 -52.14 3.73 -19.49
C ASP A 317 -51.20 3.71 -18.29
N LEU A 318 -51.51 2.90 -17.27
CA LEU A 318 -50.65 2.81 -16.09
C LEU A 318 -49.24 2.32 -16.45
N ASP A 319 -49.07 1.73 -17.63
CA ASP A 319 -47.78 1.22 -18.11
C ASP A 319 -46.74 2.35 -18.34
N HIS A 320 -47.16 3.60 -18.16
CA HIS A 320 -46.25 4.72 -18.27
C HIS A 320 -46.22 5.52 -16.94
N LEU A 321 -46.84 4.97 -15.90
CA LEU A 321 -46.79 5.59 -14.57
C LEU A 321 -45.52 5.17 -13.82
N LYS A 322 -44.73 6.16 -13.41
CA LYS A 322 -43.51 5.85 -12.67
C LYS A 322 -43.52 6.41 -11.24
N MET A 323 -43.69 5.54 -10.24
CA MET A 323 -43.62 5.98 -8.85
C MET A 323 -42.57 5.23 -8.03
N ILE A 324 -42.09 5.90 -6.99
CA ILE A 324 -41.30 5.29 -5.95
C ILE A 324 -41.94 5.79 -4.67
N ALA A 325 -42.17 4.87 -3.73
CA ALA A 325 -42.83 5.11 -2.45
C ALA A 325 -41.91 4.67 -1.32
N TYR A 326 -42.08 5.26 -0.14
CA TYR A 326 -41.39 4.81 1.05
C TYR A 326 -42.42 4.87 2.16
N GLY A 327 -43.24 3.83 2.23
CA GLY A 327 -44.41 3.89 3.09
C GLY A 327 -45.36 4.91 2.49
N ASP A 328 -45.78 5.89 3.28
CA ASP A 328 -46.71 6.92 2.79
C ASP A 328 -46.03 7.83 1.79
N ASP A 329 -44.75 8.09 2.01
CA ASP A 329 -44.08 9.02 1.14
C ASP A 329 -44.00 8.45 -0.26
N VAL A 330 -43.97 9.35 -1.25
CA VAL A 330 -44.02 8.98 -2.65
C VAL A 330 -43.66 10.13 -3.58
N ILE A 331 -43.01 9.79 -4.68
CA ILE A 331 -42.74 10.71 -5.78
C ILE A 331 -43.08 9.99 -7.11
N ALA A 332 -43.88 10.64 -7.96
CA ALA A 332 -44.51 9.98 -9.10
C ALA A 332 -44.71 10.86 -10.32
N SER A 333 -44.66 10.23 -11.48
CA SER A 333 -44.72 10.92 -12.75
C SER A 333 -45.65 10.22 -13.73
N TYR A 334 -46.40 11.02 -14.48
CA TYR A 334 -47.10 10.58 -15.69
C TYR A 334 -46.91 11.70 -16.70
N PRO A 335 -46.80 11.36 -18.01
CA PRO A 335 -46.49 12.44 -18.97
C PRO A 335 -47.49 13.60 -19.02
N HIS A 336 -48.63 13.48 -18.36
CA HIS A 336 -49.59 14.57 -18.27
C HIS A 336 -50.02 14.86 -16.83
N GLU A 337 -50.21 16.15 -16.50
CA GLU A 337 -50.49 16.58 -15.11
C GLU A 337 -51.73 15.90 -14.54
N VAL A 338 -51.51 14.90 -13.69
CA VAL A 338 -52.61 14.16 -13.08
C VAL A 338 -53.22 14.85 -11.84
N ASP A 339 -53.64 16.10 -12.04
CA ASP A 339 -54.20 16.99 -11.02
C ASP A 339 -54.57 16.37 -9.66
N ALA A 340 -53.60 16.44 -8.75
CA ALA A 340 -53.73 15.86 -7.42
C ALA A 340 -54.89 16.43 -6.62
N SER A 341 -55.31 17.64 -6.95
CA SER A 341 -56.38 18.32 -6.21
C SER A 341 -57.59 17.41 -6.13
N LEU A 342 -57.82 16.69 -7.22
CA LEU A 342 -58.93 15.77 -7.30
C LEU A 342 -58.64 14.52 -6.48
N LEU A 343 -57.56 13.82 -6.80
CA LEU A 343 -57.23 12.52 -6.19
C LEU A 343 -57.61 12.49 -4.72
N ALA A 344 -57.31 13.58 -4.02
CA ALA A 344 -57.61 13.71 -2.60
C ALA A 344 -59.09 13.59 -2.28
N GLN A 345 -59.95 13.84 -3.29
CA GLN A 345 -61.38 13.59 -3.12
C GLN A 345 -61.67 12.08 -3.20
N SER A 346 -61.31 11.44 -4.33
CA SER A 346 -61.48 10.00 -4.48
C SER A 346 -60.89 9.25 -3.29
N GLY A 347 -59.98 9.91 -2.60
CA GLY A 347 -59.38 9.37 -1.40
C GLY A 347 -60.41 9.28 -0.31
N LYS A 348 -60.78 10.42 0.28
CA LYS A 348 -61.60 10.49 1.50
C LYS A 348 -62.76 9.50 1.54
N ASP A 349 -63.13 9.00 0.37
CA ASP A 349 -64.05 7.87 0.30
C ASP A 349 -63.33 6.60 0.77
N TYR A 350 -62.16 6.30 0.20
CA TYR A 350 -61.45 5.06 0.55
C TYR A 350 -60.76 5.15 1.91
N GLY A 351 -61.29 5.98 2.82
CA GLY A 351 -60.72 6.14 4.14
C GLY A 351 -59.45 6.98 4.15
N LEU A 352 -58.98 7.35 2.96
CA LEU A 352 -57.74 8.10 2.82
C LEU A 352 -57.96 9.59 2.70
N THR A 353 -57.36 10.36 3.61
CA THR A 353 -57.46 11.81 3.53
C THR A 353 -56.12 12.40 3.10
N MET A 354 -56.06 12.89 1.87
CA MET A 354 -54.84 13.42 1.31
C MET A 354 -54.84 14.94 1.25
N THR A 355 -53.78 15.54 1.78
CA THR A 355 -53.58 16.98 1.73
C THR A 355 -52.46 17.31 0.74
N PRO A 356 -52.36 18.58 0.31
CA PRO A 356 -51.28 19.03 -0.57
C PRO A 356 -49.87 18.86 0.02
N ALA A 357 -48.92 18.57 -0.86
CA ALA A 357 -47.51 18.40 -0.50
C ALA A 357 -46.96 19.54 0.35
N ASP A 358 -46.35 19.18 1.47
CA ASP A 358 -45.61 20.12 2.31
C ASP A 358 -46.47 21.26 2.82
N LYS A 359 -47.54 20.90 3.55
CA LYS A 359 -48.33 21.87 4.31
C LYS A 359 -48.82 23.11 3.56
N SER A 360 -48.66 23.13 2.23
CA SER A 360 -49.28 24.19 1.43
C SER A 360 -50.78 24.08 1.59
N ALA A 361 -51.49 25.20 1.54
CA ALA A 361 -52.93 25.14 1.57
C ALA A 361 -53.45 24.65 0.22
N THR A 362 -52.93 25.23 -0.86
CA THR A 362 -53.42 24.92 -2.20
C THR A 362 -52.61 23.79 -2.80
N PHE A 363 -53.25 23.03 -3.69
CA PHE A 363 -52.55 22.01 -4.45
C PHE A 363 -51.66 22.66 -5.49
N GLU A 364 -50.47 23.08 -5.07
CA GLU A 364 -49.51 23.64 -6.00
C GLU A 364 -49.12 22.59 -7.04
N THR A 365 -48.71 23.05 -8.22
CA THR A 365 -48.24 22.16 -9.26
C THR A 365 -46.91 21.58 -8.76
N VAL A 366 -46.50 20.43 -9.27
CA VAL A 366 -45.24 19.88 -8.79
C VAL A 366 -44.14 20.08 -9.82
N THR A 367 -42.95 20.43 -9.33
CA THR A 367 -41.78 20.66 -10.16
C THR A 367 -40.53 20.17 -9.47
N TRP A 368 -39.45 20.08 -10.24
CA TRP A 368 -38.18 19.61 -9.73
C TRP A 368 -37.50 20.63 -8.85
N GLU A 369 -38.21 21.69 -8.53
CA GLU A 369 -37.68 22.74 -7.68
C GLU A 369 -38.43 22.77 -6.35
N ASN A 370 -39.63 22.21 -6.29
CA ASN A 370 -40.42 22.21 -5.05
C ASN A 370 -40.86 20.81 -4.60
N VAL A 371 -40.26 19.80 -5.19
CA VAL A 371 -40.66 18.45 -4.86
C VAL A 371 -39.71 17.92 -3.81
N THR A 372 -40.29 17.35 -2.74
CA THR A 372 -39.54 16.68 -1.69
C THR A 372 -39.83 15.16 -1.68
N PHE A 373 -38.82 14.39 -1.27
CA PHE A 373 -38.94 12.96 -1.06
C PHE A 373 -37.94 12.60 0.04
N LEU A 374 -38.41 11.89 1.06
CA LEU A 374 -37.60 11.60 2.26
C LEU A 374 -37.00 12.93 2.81
N LYS A 375 -37.84 13.96 2.80
CA LYS A 375 -37.58 15.29 3.36
C LYS A 375 -36.43 16.03 2.72
N ARG A 376 -36.04 15.63 1.53
CA ARG A 376 -34.93 16.30 0.85
C ARG A 376 -35.44 16.77 -0.51
N PHE A 377 -34.87 17.88 -0.98
CA PHE A 377 -35.25 18.48 -2.24
C PHE A 377 -34.25 17.98 -3.30
N PHE A 378 -34.41 18.49 -4.52
CA PHE A 378 -33.55 18.17 -5.66
C PHE A 378 -32.88 19.44 -6.19
N ARG A 379 -31.54 19.45 -6.25
CA ARG A 379 -30.79 20.58 -6.82
C ARG A 379 -29.59 20.06 -7.62
N ALA A 380 -29.58 20.33 -8.92
CA ALA A 380 -28.46 19.88 -9.74
C ALA A 380 -27.15 20.56 -9.31
N ASP A 381 -26.04 19.85 -9.45
CA ASP A 381 -24.74 20.44 -9.12
C ASP A 381 -24.43 21.57 -10.09
N GLU A 382 -23.88 22.67 -9.56
CA GLU A 382 -23.48 23.84 -10.36
C GLU A 382 -22.46 23.49 -11.45
N LYS A 383 -21.73 22.40 -11.24
CA LYS A 383 -20.62 22.02 -12.10
C LYS A 383 -20.92 20.75 -12.90
N TYR A 384 -21.95 19.99 -12.49
CA TYR A 384 -22.36 18.76 -13.21
C TYR A 384 -23.85 18.55 -13.12
N PRO A 385 -24.59 19.22 -14.01
CA PRO A 385 -26.06 19.25 -13.88
C PRO A 385 -26.68 17.86 -13.90
N PHE A 386 -25.95 16.85 -14.35
CA PHE A 386 -26.46 15.49 -14.33
C PHE A 386 -26.31 14.87 -12.94
N LEU A 387 -25.75 15.65 -12.00
CA LEU A 387 -25.58 15.21 -10.61
C LEU A 387 -26.48 16.01 -9.67
N ILE A 388 -27.43 15.32 -9.06
CA ILE A 388 -28.40 15.95 -8.19
C ILE A 388 -28.06 15.77 -6.72
N HIS A 389 -28.03 16.90 -6.01
CA HIS A 389 -27.92 16.94 -4.56
C HIS A 389 -29.29 16.67 -3.96
N PRO A 390 -29.35 15.76 -2.96
CA PRO A 390 -30.54 15.69 -2.10
C PRO A 390 -30.42 16.78 -1.03
N VAL A 391 -31.40 17.68 -0.93
CA VAL A 391 -31.22 18.80 0.00
C VAL A 391 -32.12 18.76 1.26
N MET A 392 -31.58 18.31 2.38
CA MET A 392 -32.29 18.52 3.63
C MET A 392 -32.14 19.99 4.01
N PRO A 393 -33.26 20.65 4.30
CA PRO A 393 -33.16 22.08 4.57
C PRO A 393 -32.58 22.36 5.96
N MET A 394 -31.73 23.39 6.05
CA MET A 394 -31.02 23.71 7.28
C MET A 394 -31.91 23.73 8.50
N LYS A 395 -33.11 24.30 8.37
CA LYS A 395 -34.11 24.29 9.44
C LYS A 395 -34.18 22.93 10.19
N GLU A 396 -34.45 21.85 9.47
CA GLU A 396 -34.49 20.51 10.08
C GLU A 396 -33.19 20.14 10.84
N ILE A 397 -32.06 20.36 10.20
CA ILE A 397 -30.78 20.14 10.87
C ILE A 397 -30.65 20.98 12.15
N HIS A 398 -31.11 22.23 12.12
CA HIS A 398 -31.09 23.06 13.30
C HIS A 398 -31.85 22.33 14.41
N GLU A 399 -33.07 21.92 14.09
CA GLU A 399 -33.92 21.25 15.07
C GLU A 399 -33.24 20.04 15.74
N SER A 400 -32.59 19.19 14.95
CA SER A 400 -31.83 18.07 15.51
C SER A 400 -30.72 18.48 16.47
N ILE A 401 -29.94 19.49 16.12
CA ILE A 401 -28.74 19.78 16.90
C ILE A 401 -29.08 20.42 18.25
N ARG A 402 -30.29 20.93 18.43
CA ARG A 402 -30.56 21.61 19.68
C ARG A 402 -30.73 20.62 20.85
N TRP A 403 -30.96 19.35 20.52
CA TRP A 403 -31.13 18.31 21.54
C TRP A 403 -30.10 17.17 21.43
N THR A 404 -30.16 16.26 22.41
CA THR A 404 -29.32 15.06 22.49
C THR A 404 -29.85 14.07 23.51
N LYS A 405 -29.57 12.79 23.27
CA LYS A 405 -29.98 11.73 24.20
C LYS A 405 -28.80 11.26 25.05
N ASP A 406 -27.63 11.81 24.76
CA ASP A 406 -26.38 11.52 25.47
C ASP A 406 -25.22 12.34 24.88
N PRO A 407 -24.75 13.35 25.61
CA PRO A 407 -23.63 14.17 25.12
C PRO A 407 -22.38 13.37 24.67
N ARG A 408 -22.27 12.09 25.03
CA ARG A 408 -21.17 11.25 24.57
C ARG A 408 -21.09 11.26 23.06
N ASN A 409 -22.25 11.31 22.42
CA ASN A 409 -22.31 11.11 20.98
C ASN A 409 -22.33 12.45 20.27
N THR A 410 -22.08 13.52 21.03
CA THR A 410 -22.13 14.86 20.49
C THR A 410 -21.34 14.91 19.21
N GLN A 411 -20.16 14.31 19.26
CA GLN A 411 -19.30 14.35 18.10
C GLN A 411 -19.96 13.65 16.93
N ASP A 412 -20.43 12.44 17.17
CA ASP A 412 -21.07 11.67 16.12
C ASP A 412 -22.34 12.33 15.57
N HIS A 413 -23.22 12.80 16.44
CA HIS A 413 -24.40 13.57 16.03
C HIS A 413 -24.07 14.65 15.01
N VAL A 414 -23.17 15.56 15.40
CA VAL A 414 -22.77 16.71 14.56
C VAL A 414 -22.11 16.34 13.22
N ARG A 415 -21.15 15.43 13.26
CA ARG A 415 -20.50 14.88 12.07
C ARG A 415 -21.59 14.45 11.11
N SER A 416 -22.54 13.79 11.72
CA SER A 416 -23.65 13.23 11.01
C SER A 416 -24.51 14.34 10.41
N LEU A 417 -24.75 15.44 11.12
CA LEU A 417 -25.54 16.53 10.48
C LEU A 417 -24.78 17.20 9.32
N CYS A 418 -23.45 17.17 9.35
CA CYS A 418 -22.75 17.84 8.29
C CYS A 418 -22.93 17.05 7.03
N LEU A 419 -22.93 15.72 7.15
CA LEU A 419 -23.10 14.88 5.97
C LEU A 419 -24.45 15.13 5.32
N LEU A 420 -25.41 15.63 6.10
CA LEU A 420 -26.65 16.07 5.50
C LEU A 420 -26.52 17.53 5.07
N ALA A 421 -25.95 18.39 5.92
CA ALA A 421 -26.05 19.84 5.65
C ALA A 421 -25.37 20.33 4.37
N TRP A 422 -24.23 19.76 4.03
CA TRP A 422 -23.37 20.40 3.03
C TRP A 422 -23.92 20.41 1.60
N HIS A 423 -25.04 19.74 1.35
CA HIS A 423 -25.64 19.78 0.03
C HIS A 423 -26.33 21.11 -0.20
N ASN A 424 -26.61 21.87 0.86
CA ASN A 424 -27.19 23.20 0.67
C ASN A 424 -26.17 24.11 -0.03
N GLY A 425 -24.89 23.71 -0.02
CA GLY A 425 -23.85 24.49 -0.69
C GLY A 425 -22.82 25.18 0.21
N GLU A 426 -21.57 25.30 -0.27
CA GLU A 426 -20.45 25.93 0.47
C GLU A 426 -20.78 27.09 1.40
N GLU A 427 -21.49 28.08 0.88
CA GLU A 427 -21.84 29.22 1.70
C GLU A 427 -22.63 28.78 2.91
N GLU A 428 -23.79 28.18 2.70
CA GLU A 428 -24.62 27.77 3.84
C GLU A 428 -23.85 26.78 4.74
N TYR A 429 -23.11 25.87 4.14
CA TYR A 429 -22.40 24.89 4.94
C TYR A 429 -21.30 25.54 5.81
N ASN A 430 -20.42 26.35 5.21
CA ASN A 430 -19.38 27.00 6.00
C ASN A 430 -19.97 27.91 7.06
N LYS A 431 -21.16 28.44 6.80
CA LYS A 431 -21.90 29.23 7.80
C LYS A 431 -22.28 28.37 9.00
N PHE A 432 -22.59 27.12 8.70
CA PHE A 432 -23.05 26.15 9.68
C PHE A 432 -21.89 25.73 10.59
N LEU A 433 -20.72 25.51 9.99
CA LEU A 433 -19.52 25.21 10.75
C LEU A 433 -19.15 26.35 11.74
N ALA A 434 -19.31 27.60 11.31
CA ALA A 434 -18.92 28.74 12.13
C ALA A 434 -19.87 28.88 13.31
N LYS A 435 -21.17 28.68 13.08
CA LYS A 435 -22.09 28.70 14.22
C LYS A 435 -21.74 27.59 15.20
N ILE A 436 -21.37 26.42 14.69
CA ILE A 436 -20.95 25.38 15.62
C ILE A 436 -19.72 25.81 16.38
N ARG A 437 -18.78 26.43 15.68
CA ARG A 437 -17.52 26.83 16.27
C ARG A 437 -17.65 28.08 17.14
N SER A 438 -18.84 28.66 17.14
CA SER A 438 -19.10 29.84 17.92
C SER A 438 -19.00 29.53 19.43
N VAL A 439 -19.35 28.31 19.85
CA VAL A 439 -19.17 27.85 21.25
C VAL A 439 -17.89 27.04 21.50
N PRO A 440 -17.46 26.94 22.79
CA PRO A 440 -16.20 26.22 23.02
C PRO A 440 -16.23 24.75 22.61
N ILE A 441 -17.34 24.06 22.90
CA ILE A 441 -17.51 22.63 22.58
C ILE A 441 -17.43 22.38 21.07
N GLY A 442 -18.12 23.20 20.27
CA GLY A 442 -18.07 23.08 18.83
C GLY A 442 -16.65 23.01 18.31
N ARG A 443 -15.77 23.79 18.96
CA ARG A 443 -14.38 23.94 18.53
C ARG A 443 -13.59 22.73 18.94
N ALA A 444 -14.29 21.84 19.61
CA ALA A 444 -13.66 20.61 19.96
C ALA A 444 -13.86 19.63 18.83
N LEU A 445 -14.99 19.74 18.14
CA LEU A 445 -15.39 18.69 17.19
C LEU A 445 -14.45 18.56 15.99
N ASP A 446 -14.15 17.32 15.60
CA ASP A 446 -13.46 17.10 14.35
C ASP A 446 -14.51 16.96 13.25
N LEU A 447 -14.59 17.99 12.43
CA LEU A 447 -15.59 18.09 11.39
C LEU A 447 -14.88 18.09 10.04
N PRO A 448 -15.60 17.70 8.96
CA PRO A 448 -15.00 17.68 7.62
C PRO A 448 -15.24 18.99 6.87
N GLU A 449 -14.36 19.32 5.93
CA GLU A 449 -14.61 20.50 5.12
C GLU A 449 -15.52 20.27 3.91
N TYR A 450 -15.99 21.36 3.29
CA TYR A 450 -16.80 21.24 2.08
C TYR A 450 -16.02 20.54 0.99
N SER A 451 -14.81 21.01 0.74
CA SER A 451 -14.01 20.44 -0.32
C SER A 451 -13.82 18.92 -0.12
N THR A 452 -13.78 18.46 1.12
CA THR A 452 -13.51 17.05 1.33
C THR A 452 -14.78 16.25 1.03
N LEU A 453 -15.92 16.81 1.45
CA LEU A 453 -17.21 16.14 1.27
C LEU A 453 -17.64 16.10 -0.19
N TYR A 454 -17.43 17.22 -0.88
CA TYR A 454 -17.73 17.35 -2.29
C TYR A 454 -16.86 16.40 -3.14
N ARG A 455 -15.55 16.38 -2.87
CA ARG A 455 -14.61 15.42 -3.44
C ARG A 455 -15.16 14.03 -3.32
N ARG A 456 -15.48 13.68 -2.08
CA ARG A 456 -16.00 12.38 -1.71
C ARG A 456 -17.25 12.01 -2.49
N TRP A 457 -18.12 12.98 -2.70
CA TRP A 457 -19.35 12.78 -3.48
C TRP A 457 -19.03 12.29 -4.90
N LEU A 458 -18.39 13.19 -5.66
CA LEU A 458 -17.95 12.96 -7.04
C LEU A 458 -17.21 11.64 -7.17
N ASP A 459 -16.21 11.45 -6.30
CA ASP A 459 -15.46 10.20 -6.22
C ASP A 459 -16.34 8.96 -6.25
N SER A 460 -17.52 9.04 -5.63
CA SER A 460 -18.28 7.83 -5.33
C SER A 460 -19.22 7.49 -6.47
N PHE A 461 -19.36 8.41 -7.43
CA PHE A 461 -20.03 8.08 -8.69
C PHE A 461 -19.05 7.33 -9.58
N GLY A 462 -17.76 7.72 -9.51
CA GLY A 462 -16.66 6.89 -9.97
C GLY A 462 -16.96 5.41 -9.76
N GLY D 1 58.31 -3.21 -13.13
CA GLY D 1 58.35 -2.07 -12.24
C GLY D 1 59.66 -1.94 -11.50
N GLU D 2 60.25 -0.74 -11.51
CA GLU D 2 61.55 -0.54 -10.86
C GLU D 2 61.68 0.89 -10.38
N ILE D 3 62.04 1.05 -9.11
CA ILE D 3 62.39 2.35 -8.53
C ILE D 3 63.57 2.96 -9.34
N GLN D 4 63.81 4.27 -9.24
CA GLN D 4 64.93 4.85 -10.00
C GLN D 4 65.89 5.64 -9.14
N TRP D 5 65.36 6.32 -8.13
CA TRP D 5 66.19 6.93 -7.09
C TRP D 5 65.28 7.08 -5.88
N MET D 6 65.84 7.46 -4.72
CA MET D 6 65.07 7.68 -3.50
C MET D 6 65.93 8.48 -2.56
N ARG D 7 65.34 9.46 -1.86
CA ARG D 7 66.09 10.42 -1.04
C ARG D 7 65.22 11.15 -0.03
N PRO D 8 65.85 11.72 1.03
CA PRO D 8 65.12 12.44 2.09
C PRO D 8 64.35 13.68 1.65
N SER D 9 63.05 13.51 1.45
CA SER D 9 62.07 14.60 1.25
C SER D 9 62.61 16.02 1.47
N LYS D 10 63.26 16.25 2.61
CA LYS D 10 63.84 17.56 2.93
C LYS D 10 65.01 17.93 2.01
N GLU D 11 65.70 16.92 1.47
CA GLU D 11 66.71 17.14 0.43
C GLU D 11 66.06 17.91 -0.72
N VAL D 12 64.75 17.71 -0.91
CA VAL D 12 64.01 18.30 -2.03
C VAL D 12 62.88 19.22 -1.53
N GLY D 13 62.87 19.53 -0.24
CA GLY D 13 61.90 20.47 0.27
C GLY D 13 60.52 19.87 0.48
N TYR D 14 60.42 18.56 0.35
CA TYR D 14 59.14 17.85 0.58
C TYR D 14 58.89 17.57 2.05
N PRO D 15 57.62 17.68 2.44
CA PRO D 15 57.17 17.53 3.83
C PRO D 15 57.28 16.09 4.37
N ILE D 16 57.18 16.01 5.70
CA ILE D 16 57.10 14.74 6.37
C ILE D 16 55.65 14.36 6.29
N ILE D 17 55.39 13.07 6.14
CA ILE D 17 54.03 12.58 6.02
C ILE D 17 53.68 11.75 7.23
N ASN D 18 52.55 12.08 7.86
CA ASN D 18 52.00 11.28 8.97
C ASN D 18 51.41 10.00 8.41
N ALA D 19 52.18 8.92 8.53
CA ALA D 19 51.70 7.60 8.15
C ALA D 19 51.53 6.76 9.43
N PRO D 20 50.27 6.51 9.83
CA PRO D 20 49.94 5.87 11.13
C PRO D 20 50.60 4.52 11.37
N SER D 21 50.70 4.18 12.65
CA SER D 21 51.55 3.08 13.07
C SER D 21 50.80 1.99 13.83
N LYS D 22 49.66 2.34 14.42
CA LYS D 22 48.85 1.34 15.14
C LYS D 22 47.70 0.81 14.24
N THR D 23 47.72 -0.48 13.93
CA THR D 23 46.57 -1.10 13.30
C THR D 23 45.28 -0.90 14.09
N LYS D 24 44.18 -0.68 13.37
CA LYS D 24 42.86 -0.49 13.98
C LYS D 24 42.19 -1.83 14.18
N LEU D 25 42.85 -2.91 13.78
CA LEU D 25 42.22 -4.23 13.83
C LEU D 25 42.39 -4.85 15.21
N GLU D 26 41.31 -4.93 15.97
CA GLU D 26 41.39 -5.56 17.28
C GLU D 26 40.52 -6.82 17.31
N PRO D 27 40.92 -7.83 18.10
CA PRO D 27 40.12 -9.05 18.13
C PRO D 27 38.73 -8.73 18.63
N SER D 28 37.78 -9.58 18.25
CA SER D 28 36.38 -9.26 18.43
C SER D 28 35.83 -10.21 19.43
N ALA D 29 34.61 -9.93 19.86
CA ALA D 29 33.89 -10.89 20.70
C ALA D 29 34.06 -12.32 20.20
N PHE D 30 34.18 -12.50 18.88
CA PHE D 30 34.15 -13.84 18.29
C PHE D 30 35.52 -14.40 18.03
N HIS D 31 36.56 -13.79 18.58
CA HIS D 31 37.92 -14.21 18.24
C HIS D 31 38.25 -15.68 18.52
N TYR D 32 37.62 -16.26 19.55
CA TYR D 32 37.94 -17.61 20.03
C TYR D 32 36.87 -18.64 19.66
N VAL D 33 35.67 -18.17 19.35
CA VAL D 33 34.65 -19.02 18.76
C VAL D 33 35.16 -19.69 17.49
N PHE D 34 35.65 -18.89 16.56
CA PHE D 34 36.07 -19.43 15.28
C PHE D 34 37.59 -19.57 15.21
N GLU D 35 38.06 -20.37 14.26
CA GLU D 35 39.48 -20.58 14.10
C GLU D 35 39.99 -19.75 12.91
N GLY D 36 41.18 -19.20 13.04
CA GLY D 36 41.78 -18.43 11.98
C GLY D 36 43.27 -18.28 12.16
N VAL D 37 44.00 -18.26 11.04
CA VAL D 37 45.46 -18.13 11.05
C VAL D 37 45.95 -16.73 10.65
N LYS D 38 45.04 -15.80 10.35
CA LYS D 38 45.42 -14.49 9.80
C LYS D 38 45.56 -13.41 10.87
N GLU D 39 46.55 -12.54 10.64
CA GLU D 39 46.94 -11.45 11.54
C GLU D 39 47.00 -10.11 10.78
N PRO D 40 46.86 -8.98 11.51
CA PRO D 40 46.96 -7.61 10.97
C PRO D 40 48.34 -7.33 10.36
N ALA D 41 48.38 -7.06 9.05
CA ALA D 41 49.65 -6.83 8.35
C ALA D 41 50.56 -5.81 9.03
N VAL D 42 51.86 -5.92 8.75
CA VAL D 42 52.88 -5.15 9.46
C VAL D 42 53.02 -3.72 8.92
N LEU D 43 53.20 -2.78 9.86
CA LEU D 43 53.04 -1.36 9.60
C LEU D 43 54.28 -0.51 9.84
N THR D 44 55.18 -0.97 10.71
CA THR D 44 56.41 -0.22 10.98
C THR D 44 57.59 -1.19 11.09
N LYS D 45 58.80 -0.64 11.17
CA LYS D 45 60.02 -1.45 11.19
C LYS D 45 60.27 -2.10 12.54
N ASN D 46 59.84 -1.43 13.61
CA ASN D 46 59.87 -2.04 14.94
C ASN D 46 58.65 -2.90 15.24
N ASP D 47 58.46 -3.97 14.48
CA ASP D 47 57.39 -4.92 14.77
C ASP D 47 57.99 -6.23 15.28
N PRO D 48 57.62 -6.62 16.52
CA PRO D 48 57.99 -7.89 17.15
C PRO D 48 57.96 -9.06 16.17
N ARG D 49 56.88 -9.17 15.42
CA ARG D 49 56.65 -10.28 14.51
C ARG D 49 57.57 -10.24 13.29
N LEU D 50 58.18 -9.09 13.04
CA LEU D 50 59.02 -8.93 11.84
C LEU D 50 60.16 -9.95 11.86
N LYS D 51 60.60 -10.35 10.67
CA LYS D 51 61.66 -11.33 10.52
C LYS D 51 62.81 -10.83 9.61
N THR D 52 62.57 -9.73 8.90
CA THR D 52 63.62 -9.07 8.10
C THR D 52 63.50 -7.55 8.23
N ASP D 53 64.27 -6.83 7.43
CA ASP D 53 64.15 -5.38 7.33
C ASP D 53 62.79 -5.09 6.70
N PHE D 54 62.06 -4.15 7.29
CA PHE D 54 60.75 -3.74 6.77
C PHE D 54 60.83 -3.11 5.38
N GLU D 55 61.43 -1.93 5.35
CA GLU D 55 61.58 -1.09 4.17
C GLU D 55 62.08 -1.92 2.98
N GLU D 56 63.08 -2.76 3.23
CA GLU D 56 63.56 -3.71 2.23
C GLU D 56 62.40 -4.55 1.71
N ALA D 57 61.70 -5.18 2.65
CA ALA D 57 60.59 -6.06 2.33
C ALA D 57 59.58 -5.37 1.43
N ILE D 58 58.95 -4.31 1.95
CA ILE D 58 57.85 -3.64 1.25
C ILE D 58 58.17 -3.23 -0.19
N PHE D 59 59.31 -2.59 -0.43
CA PHE D 59 59.61 -2.12 -1.80
C PHE D 59 60.10 -3.22 -2.74
N SER D 60 60.34 -4.42 -2.21
CA SER D 60 60.81 -5.55 -3.00
C SER D 60 59.91 -5.88 -4.19
N LYS D 61 58.62 -5.62 -4.03
CA LYS D 61 57.64 -5.87 -5.10
C LYS D 61 58.02 -5.27 -6.46
N TYR D 62 58.92 -4.28 -6.44
CA TYR D 62 59.43 -3.69 -7.68
C TYR D 62 60.60 -4.55 -8.14
N VAL D 63 60.29 -5.50 -9.01
CA VAL D 63 61.24 -6.52 -9.44
C VAL D 63 62.06 -6.06 -10.64
N GLY D 64 61.57 -5.03 -11.31
CA GLY D 64 62.23 -4.50 -12.50
C GLY D 64 61.27 -4.59 -13.68
N ASN D 65 61.55 -3.80 -14.70
CA ASN D 65 60.74 -3.84 -15.91
C ASN D 65 61.49 -4.64 -16.95
N LYS D 66 60.80 -5.51 -17.68
CA LYS D 66 61.52 -6.27 -18.68
C LYS D 66 61.42 -5.57 -20.02
N ILE D 67 60.56 -6.07 -20.90
CA ILE D 67 60.42 -5.50 -22.24
C ILE D 67 60.05 -4.02 -22.21
N THR D 68 60.33 -3.34 -23.33
CA THR D 68 60.14 -1.90 -23.43
C THR D 68 59.61 -1.54 -24.81
N GLU D 69 59.40 -2.57 -25.61
CA GLU D 69 58.91 -2.36 -26.96
C GLU D 69 57.81 -3.33 -27.31
N VAL D 70 56.64 -2.76 -27.52
CA VAL D 70 55.49 -3.47 -28.05
C VAL D 70 55.89 -4.38 -29.20
N ASP D 71 56.11 -5.67 -28.92
CA ASP D 71 56.45 -6.61 -29.97
C ASP D 71 55.25 -6.85 -30.88
N GLU D 72 55.47 -7.62 -31.93
CA GLU D 72 54.49 -7.75 -32.99
C GLU D 72 53.27 -8.56 -32.51
N TYR D 73 53.48 -9.38 -31.49
CA TYR D 73 52.38 -10.10 -30.84
C TYR D 73 51.48 -9.14 -30.07
N MET D 74 52.07 -8.27 -29.28
CA MET D 74 51.33 -7.23 -28.55
C MET D 74 50.50 -6.36 -29.47
N LYS D 75 51.13 -5.80 -30.49
CA LYS D 75 50.46 -4.93 -31.46
C LYS D 75 49.17 -5.52 -32.03
N GLU D 76 49.13 -6.84 -32.25
CA GLU D 76 47.91 -7.43 -32.80
C GLU D 76 46.87 -7.63 -31.71
N ALA D 77 47.35 -7.93 -30.49
CA ALA D 77 46.47 -8.08 -29.32
C ALA D 77 45.68 -6.79 -29.09
N VAL D 78 46.38 -5.68 -29.32
CA VAL D 78 45.79 -4.33 -29.25
C VAL D 78 44.62 -4.17 -30.21
N ASP D 79 44.81 -4.63 -31.44
CA ASP D 79 43.81 -4.49 -32.52
C ASP D 79 42.48 -5.16 -32.20
N HIS D 80 42.53 -6.44 -31.84
CA HIS D 80 41.32 -7.19 -31.48
C HIS D 80 40.62 -6.57 -30.27
N TYR D 81 41.38 -6.30 -29.21
CA TYR D 81 40.81 -5.75 -27.99
C TYR D 81 40.07 -4.46 -28.32
N ALA D 82 40.77 -3.56 -29.01
CA ALA D 82 40.19 -2.28 -29.39
C ALA D 82 38.99 -2.53 -30.30
N GLY D 83 39.12 -3.53 -31.16
CA GLY D 83 38.05 -3.94 -32.03
C GLY D 83 36.81 -4.25 -31.23
N GLN D 84 36.93 -5.14 -30.24
CA GLN D 84 35.84 -5.40 -29.30
C GLN D 84 35.26 -4.14 -28.68
N LEU D 85 36.13 -3.30 -28.11
CA LEU D 85 35.65 -2.12 -27.38
C LEU D 85 34.83 -1.26 -28.31
N MET D 86 35.22 -1.21 -29.59
CA MET D 86 34.51 -0.39 -30.55
C MET D 86 33.03 -0.77 -30.67
N SER D 87 32.71 -2.05 -30.55
CA SER D 87 31.30 -2.46 -30.60
C SER D 87 30.45 -1.69 -29.60
N LEU D 88 31.09 -1.20 -28.53
CA LEU D 88 30.36 -0.57 -27.45
C LEU D 88 30.02 0.88 -27.80
N ASP D 89 30.82 1.46 -28.69
CA ASP D 89 30.64 2.84 -29.11
C ASP D 89 30.70 3.73 -27.86
N ILE D 90 31.93 3.98 -27.41
CA ILE D 90 32.15 4.68 -26.16
C ILE D 90 32.30 6.19 -26.32
N ASN D 91 31.42 6.95 -25.66
CA ASN D 91 31.49 8.42 -25.67
C ASN D 91 32.89 8.94 -25.32
N THR D 92 33.46 9.66 -26.26
CA THR D 92 34.86 10.04 -26.19
C THR D 92 35.05 11.46 -25.71
N GLU D 93 33.93 12.15 -25.46
CA GLU D 93 33.96 13.50 -24.91
C GLU D 93 34.62 13.50 -23.54
N GLN D 94 35.40 14.54 -23.27
CA GLN D 94 35.85 14.78 -21.91
C GLN D 94 34.63 14.90 -21.01
N MET D 95 34.73 14.40 -19.78
CA MET D 95 33.61 14.46 -18.86
C MET D 95 33.53 15.84 -18.25
N CYS D 96 32.31 16.31 -18.01
CA CYS D 96 32.08 17.60 -17.38
C CYS D 96 32.64 17.60 -15.96
N LEU D 97 33.37 18.65 -15.59
CA LEU D 97 34.02 18.70 -14.29
C LEU D 97 33.06 18.48 -13.12
N GLU D 98 31.85 18.99 -13.25
CA GLU D 98 30.84 18.80 -12.20
C GLU D 98 30.51 17.32 -12.10
N ASP D 99 30.45 16.64 -13.24
CA ASP D 99 30.13 15.22 -13.27
C ASP D 99 31.32 14.44 -12.71
N ALA D 100 32.53 14.91 -13.04
CA ALA D 100 33.72 14.20 -12.61
C ALA D 100 33.95 14.35 -11.11
N MET D 101 33.24 15.29 -10.49
CA MET D 101 33.41 15.53 -9.05
C MET D 101 32.33 14.77 -8.28
N TYR D 102 31.09 15.04 -8.64
CA TYR D 102 29.95 14.63 -7.84
C TYR D 102 29.22 13.47 -8.51
N GLY D 103 29.69 13.09 -9.68
CA GLY D 103 29.25 11.84 -10.27
C GLY D 103 28.05 12.02 -11.16
N THR D 104 27.77 11.01 -11.97
CA THR D 104 26.61 10.97 -12.87
C THR D 104 26.25 9.50 -13.06
N ASP D 105 25.33 9.20 -13.98
CA ASP D 105 24.94 7.81 -14.25
C ASP D 105 26.18 7.00 -14.65
N GLY D 106 26.39 5.84 -14.02
CA GLY D 106 27.51 4.99 -14.38
C GLY D 106 28.85 5.27 -13.71
N LEU D 107 28.92 6.40 -12.99
CA LEU D 107 30.13 6.77 -12.26
C LEU D 107 29.82 7.49 -10.96
N GLU D 108 30.22 6.87 -9.85
CA GLU D 108 29.94 7.40 -8.51
C GLU D 108 30.80 8.60 -8.12
N ALA D 109 30.23 9.55 -7.39
CA ALA D 109 30.97 10.71 -6.84
C ALA D 109 32.26 10.33 -6.11
N LEU D 110 33.23 11.23 -6.10
CA LEU D 110 34.44 11.04 -5.30
C LEU D 110 34.09 10.75 -3.83
N ASP D 111 35.00 10.09 -3.14
CA ASP D 111 34.75 9.67 -1.77
C ASP D 111 35.27 10.72 -0.78
N LEU D 112 34.35 11.33 -0.02
CA LEU D 112 34.68 12.40 0.92
C LEU D 112 35.27 11.86 2.20
N SER D 113 35.20 10.54 2.34
CA SER D 113 35.70 9.88 3.54
C SER D 113 37.19 9.68 3.43
N THR D 114 37.75 9.93 2.24
CA THR D 114 39.17 9.67 2.07
C THR D 114 39.99 10.91 1.76
N SER D 115 41.30 10.79 1.99
CA SER D 115 42.21 11.92 1.88
C SER D 115 42.38 12.49 0.47
N ALA D 116 42.70 13.77 0.43
CA ALA D 116 42.83 14.53 -0.80
C ALA D 116 44.22 14.46 -1.45
N GLY D 117 45.15 13.76 -0.79
CA GLY D 117 46.52 13.65 -1.28
C GLY D 117 47.39 14.89 -1.11
N TYR D 118 48.47 14.94 -1.88
CA TYR D 118 49.37 16.10 -1.87
C TYR D 118 48.86 17.16 -2.87
N PRO D 119 48.96 18.46 -2.52
CA PRO D 119 49.52 18.96 -1.25
C PRO D 119 48.50 19.15 -0.13
N TYR D 120 47.22 19.03 -0.43
CA TYR D 120 46.17 19.31 0.55
C TYR D 120 46.38 18.75 1.96
N VAL D 121 47.00 17.58 2.04
CA VAL D 121 47.04 16.89 3.33
C VAL D 121 48.15 17.44 4.22
N ALA D 122 49.20 17.98 3.61
CA ALA D 122 50.28 18.62 4.37
C ALA D 122 49.81 19.91 5.03
N MET D 123 48.78 20.52 4.44
CA MET D 123 48.16 21.70 5.00
C MET D 123 47.03 21.25 5.95
N GLY D 124 46.70 19.97 5.89
CA GLY D 124 45.66 19.40 6.74
C GLY D 124 44.30 19.61 6.13
N LYS D 125 44.27 20.04 4.87
CA LYS D 125 42.99 20.28 4.17
C LYS D 125 42.36 18.96 3.71
N LYS D 126 41.03 18.94 3.69
CA LYS D 126 40.29 17.70 3.44
C LYS D 126 39.28 17.85 2.30
N LYS D 127 39.10 16.78 1.53
CA LYS D 127 38.15 16.76 0.41
C LYS D 127 36.85 17.50 0.75
N ARG D 128 36.36 17.32 1.97
CA ARG D 128 35.13 17.97 2.41
C ARG D 128 35.25 19.50 2.43
N ASP D 129 36.47 20.01 2.48
CA ASP D 129 36.62 21.47 2.48
C ASP D 129 36.51 22.10 1.10
N ILE D 130 36.76 21.32 0.05
CA ILE D 130 36.65 21.84 -1.34
C ILE D 130 35.30 21.49 -2.00
N LEU D 131 34.67 20.40 -1.55
CA LEU D 131 33.48 19.83 -2.20
C LEU D 131 32.20 19.95 -1.36
N ASN D 132 31.13 20.44 -1.99
CA ASN D 132 29.81 20.44 -1.34
C ASN D 132 28.82 19.72 -2.22
N LYS D 133 28.10 18.75 -1.65
CA LYS D 133 27.27 17.84 -2.41
C LYS D 133 25.94 18.43 -2.83
N GLN D 134 25.37 19.31 -2.00
CA GLN D 134 24.10 19.88 -2.37
C GLN D 134 24.30 20.96 -3.43
N THR D 135 25.15 21.94 -3.14
CA THR D 135 25.49 22.97 -4.11
C THR D 135 26.05 22.35 -5.39
N ARG D 136 26.84 21.30 -5.20
CA ARG D 136 27.71 20.80 -6.26
C ARG D 136 28.53 21.96 -6.83
N ASP D 137 29.36 22.55 -5.98
CA ASP D 137 30.15 23.72 -6.37
C ASP D 137 31.41 23.32 -7.12
N THR D 138 31.50 23.77 -8.37
CA THR D 138 32.70 23.52 -9.16
C THR D 138 33.84 24.50 -8.83
N LYS D 139 33.53 25.78 -8.66
CA LYS D 139 34.52 26.88 -8.61
C LYS D 139 35.82 26.59 -7.86
N GLU D 140 35.76 26.45 -6.54
CA GLU D 140 36.97 26.36 -5.72
C GLU D 140 37.93 25.25 -6.18
N MET D 141 37.36 24.13 -6.58
CA MET D 141 38.14 23.05 -7.20
C MET D 141 38.93 23.54 -8.40
N GLN D 142 38.25 24.23 -9.30
CA GLN D 142 38.87 24.71 -10.52
C GLN D 142 40.07 25.64 -10.25
N LYS D 143 40.02 26.42 -9.15
CA LYS D 143 41.19 27.28 -8.83
C LYS D 143 42.36 26.40 -8.46
N LEU D 144 42.07 25.31 -7.73
CA LEU D 144 43.12 24.41 -7.27
C LEU D 144 43.76 23.62 -8.43
N LEU D 145 43.04 23.47 -9.53
CA LEU D 145 43.68 22.90 -10.70
C LEU D 145 44.58 23.94 -11.36
N ASP D 146 44.07 25.16 -11.53
CA ASP D 146 44.91 26.27 -11.99
C ASP D 146 46.17 26.42 -11.11
N THR D 147 45.99 26.28 -9.80
CA THR D 147 47.07 26.45 -8.85
C THR D 147 48.15 25.37 -8.90
N TYR D 148 47.76 24.13 -8.66
CA TYR D 148 48.71 23.04 -8.49
C TYR D 148 48.87 22.18 -9.70
N GLY D 149 47.94 22.30 -10.65
CA GLY D 149 48.03 21.54 -11.87
C GLY D 149 47.78 20.07 -11.65
N ILE D 150 48.36 19.23 -12.50
CA ILE D 150 48.15 17.81 -12.41
C ILE D 150 49.50 17.12 -12.31
N ASN D 151 49.48 15.79 -12.40
CA ASN D 151 50.69 14.98 -12.37
C ASN D 151 51.46 15.26 -11.09
N LEU D 152 50.72 15.33 -9.99
CA LEU D 152 51.26 15.55 -8.64
C LEU D 152 51.74 14.25 -7.97
N PRO D 153 52.49 14.35 -6.85
CA PRO D 153 53.04 13.11 -6.30
C PRO D 153 52.02 12.22 -5.58
N LEU D 154 52.24 10.89 -5.66
CA LEU D 154 51.40 9.92 -4.98
C LEU D 154 51.91 9.68 -3.57
N VAL D 155 51.04 9.74 -2.57
CA VAL D 155 51.52 9.48 -1.21
C VAL D 155 51.38 8.00 -0.85
N THR D 156 52.52 7.33 -0.62
CA THR D 156 52.47 5.90 -0.37
C THR D 156 52.14 5.61 1.10
N TYR D 157 51.30 4.59 1.30
CA TYR D 157 50.84 4.12 2.60
C TYR D 157 50.81 2.59 2.62
N VAL D 158 51.05 2.03 3.80
CA VAL D 158 50.88 0.59 4.08
C VAL D 158 49.41 0.25 4.27
N LYS D 159 48.89 -0.79 3.63
CA LYS D 159 47.49 -1.15 3.92
C LYS D 159 47.31 -1.78 5.31
N ASP D 160 46.20 -1.45 5.97
CA ASP D 160 45.85 -2.03 7.27
C ASP D 160 44.85 -3.17 7.06
N GLU D 161 45.34 -4.41 7.07
CA GLU D 161 44.53 -5.57 6.70
C GLU D 161 45.07 -6.91 7.26
N LEU D 162 44.21 -7.92 7.39
CA LEU D 162 44.68 -9.24 7.83
C LEU D 162 45.44 -9.98 6.73
N ARG D 163 46.59 -10.55 7.09
CA ARG D 163 47.33 -11.40 6.15
C ARG D 163 47.95 -12.62 6.84
N SER D 164 48.44 -13.57 6.04
CA SER D 164 49.08 -14.79 6.54
C SER D 164 50.33 -14.48 7.36
N LYS D 165 50.61 -15.33 8.37
CA LYS D 165 51.74 -15.15 9.28
C LYS D 165 53.08 -14.94 8.55
N THR D 166 53.34 -15.76 7.54
CA THR D 166 54.53 -15.60 6.71
C THR D 166 54.59 -14.18 6.18
N LYS D 167 53.56 -13.78 5.41
CA LYS D 167 53.45 -12.42 4.87
C LYS D 167 53.67 -11.37 5.97
N VAL D 168 53.20 -11.68 7.17
CA VAL D 168 53.44 -10.82 8.31
C VAL D 168 54.92 -10.82 8.69
N GLU D 169 55.45 -12.00 8.97
CA GLU D 169 56.83 -12.12 9.39
C GLU D 169 57.85 -11.94 8.24
N GLN D 170 57.53 -12.48 7.07
CA GLN D 170 58.41 -12.31 5.90
C GLN D 170 58.40 -10.83 5.45
N GLY D 171 57.50 -10.04 6.03
CA GLY D 171 57.37 -8.60 5.82
C GLY D 171 56.55 -8.02 4.67
N LYS D 172 56.08 -8.85 3.75
CA LYS D 172 55.36 -8.37 2.56
C LYS D 172 54.00 -7.68 2.83
N SER D 173 53.99 -6.63 3.65
CA SER D 173 52.76 -5.85 3.78
C SER D 173 52.52 -5.11 2.46
N ARG D 174 51.26 -4.90 2.09
CA ARG D 174 50.97 -4.27 0.80
C ARG D 174 50.93 -2.76 0.90
N LEU D 175 51.03 -2.10 -0.25
CA LEU D 175 51.18 -0.65 -0.28
C LEU D 175 50.14 0.10 -1.10
N ILE D 176 49.63 1.17 -0.51
CA ILE D 176 48.65 2.04 -1.15
C ILE D 176 49.35 3.30 -1.71
N GLU D 177 48.91 3.76 -2.89
CA GLU D 177 49.37 5.01 -3.49
C GLU D 177 48.23 6.02 -3.55
N ALA D 178 48.28 7.03 -2.70
CA ALA D 178 47.12 7.90 -2.48
C ALA D 178 47.06 9.01 -3.51
N SER D 179 45.97 9.03 -4.28
CA SER D 179 45.83 9.97 -5.37
C SER D 179 45.57 11.39 -4.87
N SER D 180 46.32 12.33 -5.42
CA SER D 180 46.01 13.73 -5.22
C SER D 180 44.60 13.97 -5.68
N LEU D 181 43.89 14.85 -4.98
CA LEU D 181 42.56 15.21 -5.44
C LEU D 181 42.63 15.79 -6.86
N ASN D 182 43.72 16.49 -7.17
CA ASN D 182 43.93 17.06 -8.50
C ASN D 182 43.83 16.05 -9.63
N ASP D 183 44.62 14.98 -9.53
CA ASP D 183 44.66 14.03 -10.64
C ASP D 183 43.41 13.13 -10.66
N SER D 184 42.82 12.82 -9.48
CA SER D 184 41.59 12.03 -9.46
C SER D 184 40.60 12.69 -10.38
N VAL D 185 40.46 14.00 -10.15
CA VAL D 185 39.55 14.82 -10.95
C VAL D 185 39.95 14.91 -12.44
N ALA D 186 41.24 15.09 -12.72
CA ALA D 186 41.66 15.28 -14.10
C ALA D 186 41.53 13.96 -14.84
N MET D 187 41.84 12.88 -14.13
CA MET D 187 41.69 11.54 -14.68
C MET D 187 40.22 11.30 -15.07
N ARG D 188 39.31 11.77 -14.21
CA ARG D 188 37.90 11.54 -14.45
C ARG D 188 37.41 12.32 -15.67
N MET D 189 37.55 13.64 -15.66
CA MET D 189 37.16 14.50 -16.81
C MET D 189 37.58 13.86 -18.11
N ALA D 190 38.78 13.30 -18.14
CA ALA D 190 39.24 12.55 -19.30
C ALA D 190 38.44 11.26 -19.52
N PHE D 191 38.60 10.30 -18.61
CA PHE D 191 38.11 8.95 -18.85
C PHE D 191 36.77 8.59 -18.20
N GLY D 192 36.13 9.58 -17.56
CA GLY D 192 34.81 9.42 -16.98
C GLY D 192 33.80 8.70 -17.85
N ASN D 193 33.79 9.03 -19.14
CA ASN D 193 32.90 8.38 -20.09
C ASN D 193 33.40 6.96 -20.39
N LEU D 194 34.73 6.76 -20.33
CA LEU D 194 35.25 5.41 -20.44
C LEU D 194 34.84 4.60 -19.21
N TYR D 195 35.06 5.18 -18.02
CA TYR D 195 34.78 4.45 -16.78
C TYR D 195 33.35 3.96 -16.77
N ALA D 196 32.43 4.89 -17.03
CA ALA D 196 31.02 4.56 -16.97
C ALA D 196 30.67 3.39 -17.89
N ALA D 197 30.99 3.52 -19.19
CA ALA D 197 30.65 2.48 -20.16
C ALA D 197 31.06 1.07 -19.69
N PHE D 198 32.24 0.97 -19.06
CA PHE D 198 32.67 -0.28 -18.46
C PHE D 198 31.77 -0.74 -17.31
N HIS D 199 31.55 0.20 -16.40
CA HIS D 199 30.72 -0.07 -15.24
C HIS D 199 29.38 -0.54 -15.72
N LYS D 200 28.94 -0.01 -16.86
CA LYS D 200 27.61 -0.33 -17.35
C LYS D 200 27.62 -1.62 -18.16
N ASN D 201 28.80 -2.06 -18.57
CA ASN D 201 28.91 -3.24 -19.40
C ASN D 201 29.90 -4.30 -18.94
N PRO D 202 29.72 -4.79 -17.70
CA PRO D 202 30.51 -5.97 -17.31
C PRO D 202 30.19 -7.15 -18.25
N GLY D 203 31.20 -7.96 -18.59
CA GLY D 203 31.03 -9.03 -19.55
C GLY D 203 32.23 -9.39 -20.42
N VAL D 204 31.96 -10.05 -21.56
CA VAL D 204 33.06 -10.56 -22.39
C VAL D 204 33.41 -9.68 -23.55
N ILE D 205 32.59 -8.64 -23.79
CA ILE D 205 32.96 -7.59 -24.73
C ILE D 205 34.04 -6.73 -24.12
N THR D 206 33.71 -6.05 -23.02
CA THR D 206 34.69 -5.21 -22.29
C THR D 206 35.79 -6.07 -21.76
N GLY D 207 35.42 -7.29 -21.29
CA GLY D 207 36.37 -8.17 -20.61
C GLY D 207 36.67 -7.71 -19.18
N SER D 208 35.76 -6.92 -18.61
CA SER D 208 35.88 -6.53 -17.20
C SER D 208 34.64 -6.95 -16.47
N ALA D 209 34.85 -7.32 -15.21
CA ALA D 209 33.78 -7.69 -14.30
C ALA D 209 33.35 -6.53 -13.43
N VAL D 210 34.10 -5.42 -13.54
CA VAL D 210 33.80 -4.19 -12.81
C VAL D 210 32.36 -3.77 -13.07
N GLY D 211 31.55 -3.82 -12.01
CA GLY D 211 30.13 -3.48 -12.12
C GLY D 211 29.15 -4.65 -11.96
N CYS D 212 29.64 -5.88 -11.82
CA CYS D 212 28.70 -7.00 -11.69
C CYS D 212 28.45 -7.38 -10.24
N ASP D 213 27.17 -7.48 -9.89
CA ASP D 213 26.72 -8.09 -8.63
C ASP D 213 26.82 -9.61 -8.79
N PRO D 214 27.82 -10.22 -8.14
CA PRO D 214 28.08 -11.66 -8.23
C PRO D 214 26.89 -12.53 -7.87
N ASP D 215 25.92 -12.03 -7.10
CA ASP D 215 24.78 -12.88 -6.75
C ASP D 215 23.89 -13.17 -7.94
N LEU D 216 23.81 -12.20 -8.85
CA LEU D 216 22.97 -12.32 -10.04
C LEU D 216 23.82 -12.72 -11.22
N PHE D 217 25.07 -12.29 -11.20
CA PHE D 217 25.88 -12.35 -12.39
C PHE D 217 26.55 -13.70 -12.51
N TRP D 218 26.69 -14.41 -11.40
CA TRP D 218 27.36 -15.71 -11.43
C TRP D 218 26.61 -16.69 -12.36
N SER D 219 25.31 -16.48 -12.51
CA SER D 219 24.49 -17.38 -13.30
C SER D 219 24.55 -17.07 -14.78
N LYS D 220 24.81 -15.81 -15.11
CA LYS D 220 24.91 -15.46 -16.50
C LYS D 220 26.28 -15.83 -17.07
N ILE D 221 27.27 -16.05 -16.20
CA ILE D 221 28.65 -16.23 -16.66
C ILE D 221 28.88 -17.49 -17.49
N PRO D 222 28.48 -18.69 -17.01
CA PRO D 222 28.75 -19.88 -17.82
C PRO D 222 28.21 -19.79 -19.26
N VAL D 223 27.14 -19.01 -19.43
CA VAL D 223 26.56 -18.75 -20.71
C VAL D 223 27.54 -18.03 -21.62
N LEU D 224 28.07 -16.90 -21.14
CA LEU D 224 29.01 -16.11 -21.94
C LEU D 224 30.40 -16.74 -22.04
N MET D 225 30.49 -18.06 -21.93
CA MET D 225 31.80 -18.71 -21.92
C MET D 225 31.83 -19.90 -22.87
N GLU D 226 33.02 -20.14 -23.44
CA GLU D 226 33.26 -21.31 -24.27
C GLU D 226 33.42 -22.53 -23.38
N GLU D 227 33.79 -23.67 -23.96
CA GLU D 227 34.15 -24.85 -23.17
C GLU D 227 35.49 -24.58 -22.54
N LYS D 228 36.23 -25.67 -22.31
CA LYS D 228 37.49 -25.67 -21.56
C LYS D 228 37.97 -24.29 -21.08
N LEU D 229 37.83 -24.06 -19.79
CA LEU D 229 38.21 -22.79 -19.21
C LEU D 229 39.69 -22.87 -18.90
N PHE D 230 40.29 -21.72 -18.63
CA PHE D 230 41.65 -21.70 -18.18
C PHE D 230 41.81 -20.51 -17.28
N ALA D 231 42.78 -20.58 -16.37
CA ALA D 231 43.04 -19.51 -15.41
C ALA D 231 44.35 -19.73 -14.67
N PHE D 232 44.91 -18.65 -14.13
CA PHE D 232 46.16 -18.72 -13.39
C PHE D 232 46.24 -17.60 -12.35
N ASP D 233 47.38 -17.50 -11.69
CA ASP D 233 47.55 -16.50 -10.65
C ASP D 233 48.79 -15.64 -10.87
N TYR D 234 48.62 -14.33 -10.76
CA TYR D 234 49.74 -13.41 -10.91
C TYR D 234 50.48 -13.18 -9.59
N THR D 235 51.80 -12.99 -9.68
CA THR D 235 52.58 -12.53 -8.53
C THR D 235 52.99 -11.07 -8.73
N GLY D 236 52.41 -10.18 -7.93
CA GLY D 236 52.78 -8.78 -7.95
C GLY D 236 52.39 -8.00 -9.19
N TYR D 237 51.58 -8.61 -10.06
CA TYR D 237 51.04 -8.01 -11.30
C TYR D 237 51.20 -6.48 -11.37
N ASP D 238 50.64 -5.76 -10.40
CA ASP D 238 50.65 -4.31 -10.44
C ASP D 238 52.07 -3.78 -10.45
N ALA D 239 52.79 -3.91 -9.35
CA ALA D 239 54.16 -3.41 -9.30
C ALA D 239 55.10 -4.28 -10.11
N SER D 240 54.57 -4.93 -11.14
CA SER D 240 55.40 -5.75 -12.01
C SER D 240 55.16 -5.40 -13.48
N LEU D 241 54.09 -4.66 -13.75
CA LEU D 241 53.82 -4.25 -15.14
C LEU D 241 54.91 -3.35 -15.73
N SER D 242 55.14 -3.51 -17.04
CA SER D 242 56.28 -2.93 -17.72
C SER D 242 55.89 -1.88 -18.74
N PRO D 243 56.65 -0.78 -18.80
CA PRO D 243 56.37 0.37 -19.67
C PRO D 243 55.82 0.00 -21.05
N ALA D 244 56.28 -1.10 -21.65
CA ALA D 244 55.72 -1.55 -22.93
C ALA D 244 54.18 -1.65 -22.89
N TRP D 245 53.67 -2.27 -21.83
CA TRP D 245 52.23 -2.49 -21.65
C TRP D 245 51.42 -1.19 -21.64
N PHE D 246 51.93 -0.17 -20.97
CA PHE D 246 51.24 1.12 -20.97
C PHE D 246 51.10 1.65 -22.41
N GLU D 247 52.18 1.53 -23.20
CA GLU D 247 52.16 1.98 -24.58
C GLU D 247 51.12 1.20 -25.37
N ALA D 248 50.92 -0.07 -24.98
CA ALA D 248 49.91 -0.91 -25.62
C ALA D 248 48.53 -0.41 -25.25
N LEU D 249 48.38 -0.06 -23.96
CA LEU D 249 47.15 0.54 -23.44
C LEU D 249 46.85 1.87 -24.12
N LYS D 250 47.81 2.80 -24.07
CA LYS D 250 47.71 4.07 -24.80
C LYS D 250 47.24 3.85 -26.22
N MET D 251 47.81 2.83 -26.87
CA MET D 251 47.45 2.46 -28.24
C MET D 251 45.95 2.14 -28.36
N VAL D 252 45.46 1.23 -27.52
CA VAL D 252 44.02 0.91 -27.49
C VAL D 252 43.17 2.17 -27.22
N LEU D 253 43.65 3.01 -26.31
CA LEU D 253 43.01 4.31 -26.07
C LEU D 253 43.04 5.20 -27.31
N GLU D 254 44.16 5.19 -28.04
CA GLU D 254 44.19 5.87 -29.34
C GLU D 254 43.12 5.26 -30.24
N LYS D 255 43.16 3.93 -30.36
CA LYS D 255 42.33 3.24 -31.33
C LYS D 255 40.84 3.36 -31.06
N ILE D 256 40.46 3.85 -29.88
CA ILE D 256 39.03 3.96 -29.59
C ILE D 256 38.56 5.41 -29.46
N GLY D 257 39.46 6.37 -29.61
CA GLY D 257 39.04 7.76 -29.66
C GLY D 257 39.45 8.57 -28.47
N PHE D 258 40.52 8.16 -27.81
CA PHE D 258 40.95 8.83 -26.58
C PHE D 258 42.40 9.35 -26.76
N GLY D 259 42.76 9.61 -28.01
CA GLY D 259 44.14 9.88 -28.38
C GLY D 259 44.84 11.00 -27.63
N ASP D 260 44.11 12.07 -27.32
CA ASP D 260 44.74 13.23 -26.70
C ASP D 260 45.20 12.96 -25.27
N ARG D 261 44.37 12.25 -24.52
CA ARG D 261 44.57 12.15 -23.07
C ARG D 261 45.58 11.07 -22.70
N VAL D 262 46.12 10.39 -23.70
CA VAL D 262 47.08 9.31 -23.42
C VAL D 262 48.28 9.80 -22.63
N ASP D 263 48.44 11.13 -22.51
CA ASP D 263 49.40 11.76 -21.62
C ASP D 263 49.35 11.19 -20.21
N TYR D 264 48.14 10.92 -19.73
CA TYR D 264 47.95 10.58 -18.34
C TYR D 264 48.49 9.21 -18.00
N ILE D 265 48.60 8.35 -19.01
CA ILE D 265 49.14 7.01 -18.84
C ILE D 265 50.62 7.10 -18.46
N ASP D 266 51.28 8.14 -18.96
CA ASP D 266 52.68 8.37 -18.64
C ASP D 266 52.88 8.73 -17.18
N TYR D 267 51.91 9.45 -16.59
CA TYR D 267 52.00 9.89 -15.19
C TYR D 267 51.73 8.73 -14.24
N LEU D 268 51.30 7.60 -14.79
CA LEU D 268 51.10 6.40 -13.98
C LEU D 268 52.33 5.51 -14.14
N ASN D 269 52.75 5.40 -15.40
CA ASN D 269 53.97 4.70 -15.78
C ASN D 269 55.20 5.32 -15.12
N HIS D 270 55.22 6.64 -15.04
CA HIS D 270 56.35 7.33 -14.41
C HIS D 270 55.81 8.21 -13.31
N SER D 271 56.02 7.79 -12.08
CA SER D 271 55.32 8.40 -10.97
C SER D 271 56.32 8.71 -9.87
N HIS D 272 55.92 9.55 -8.93
CA HIS D 272 56.79 9.95 -7.83
C HIS D 272 55.99 10.00 -6.54
N HIS D 273 56.69 9.78 -5.43
CA HIS D 273 56.03 9.22 -4.27
C HIS D 273 56.59 9.78 -2.99
N LEU D 274 55.74 10.06 -2.04
CA LEU D 274 56.22 10.42 -0.71
C LEU D 274 55.90 9.33 0.32
N TYR D 275 56.90 8.51 0.66
CA TYR D 275 56.73 7.56 1.75
C TYR D 275 57.39 8.18 2.95
N LYS D 276 56.57 8.68 3.87
CA LYS D 276 57.04 9.23 5.13
C LYS D 276 58.08 10.34 4.92
N ASN D 277 59.34 10.04 5.23
CA ASN D 277 60.40 11.04 5.11
C ASN D 277 61.27 10.77 3.90
N LYS D 278 60.76 9.95 2.99
CA LYS D 278 61.49 9.63 1.78
C LYS D 278 60.70 10.13 0.56
N THR D 279 61.37 10.23 -0.58
CA THR D 279 60.78 10.62 -1.86
C THR D 279 61.44 9.72 -2.88
N TYR D 280 60.74 9.39 -3.95
CA TYR D 280 61.31 8.46 -4.93
C TYR D 280 60.48 8.38 -6.21
N CYS D 281 61.17 8.03 -7.29
CA CYS D 281 60.55 7.93 -8.61
C CYS D 281 60.47 6.45 -9.00
N VAL D 282 59.51 6.09 -9.84
CA VAL D 282 59.34 4.70 -10.25
C VAL D 282 59.00 4.63 -11.72
N LYS D 283 59.76 3.82 -12.46
CA LYS D 283 59.45 3.57 -13.88
C LYS D 283 58.70 2.26 -14.05
N GLY D 284 57.42 2.34 -14.40
CA GLY D 284 56.61 1.16 -14.65
C GLY D 284 55.68 0.86 -13.50
N GLY D 285 54.79 -0.12 -13.69
CA GLY D 285 53.89 -0.58 -12.65
C GLY D 285 52.76 0.36 -12.27
N MET D 286 51.54 -0.15 -12.30
CA MET D 286 50.39 0.66 -11.91
C MET D 286 50.48 1.07 -10.47
N PRO D 287 50.02 2.28 -10.16
CA PRO D 287 49.98 2.70 -8.77
C PRO D 287 48.58 2.55 -8.15
N SER D 288 48.24 1.33 -7.77
CA SER D 288 47.09 1.06 -6.91
C SER D 288 45.98 2.11 -6.80
N GLY D 289 46.25 3.19 -6.09
CA GLY D 289 45.22 4.15 -5.72
C GLY D 289 45.04 5.35 -6.62
N MET D 290 45.36 5.18 -7.89
CA MET D 290 45.11 6.20 -8.89
C MET D 290 43.78 5.93 -9.57
N SER D 291 43.26 6.94 -10.25
CA SER D 291 42.00 6.78 -10.95
C SER D 291 42.15 5.71 -11.99
N GLY D 292 41.07 4.97 -12.25
CA GLY D 292 41.06 3.93 -13.25
C GLY D 292 41.96 2.72 -13.03
N THR D 293 42.60 2.57 -11.88
CA THR D 293 43.38 1.35 -11.60
C THR D 293 42.61 0.06 -11.82
N SER D 294 41.35 0.01 -11.41
CA SER D 294 40.58 -1.17 -11.75
C SER D 294 40.46 -1.29 -13.29
N ILE D 295 40.13 -0.21 -13.97
CA ILE D 295 39.78 -0.36 -15.38
C ILE D 295 41.01 -0.54 -16.30
N PHE D 296 42.15 0.01 -15.92
CA PHE D 296 43.35 -0.09 -16.74
C PHE D 296 44.01 -1.47 -16.55
N ASN D 297 44.31 -1.80 -15.29
CA ASN D 297 44.75 -3.15 -14.91
C ASN D 297 43.90 -4.21 -15.61
N SER D 298 42.59 -4.04 -15.53
CA SER D 298 41.70 -4.91 -16.29
C SER D 298 42.04 -4.85 -17.78
N MET D 299 42.01 -3.66 -18.39
CA MET D 299 42.26 -3.55 -19.84
C MET D 299 43.58 -4.21 -20.23
N ILE D 300 44.64 -3.82 -19.55
CA ILE D 300 45.93 -4.46 -19.77
C ILE D 300 45.85 -5.99 -19.65
N ASN D 301 45.22 -6.51 -18.61
CA ASN D 301 45.04 -7.95 -18.48
C ASN D 301 44.44 -8.60 -19.73
N ASN D 302 43.51 -7.93 -20.42
CA ASN D 302 42.94 -8.47 -21.65
C ASN D 302 44.00 -8.63 -22.73
N LEU D 303 45.03 -7.77 -22.64
CA LEU D 303 46.07 -7.67 -23.65
C LEU D 303 47.07 -8.78 -23.43
N ILE D 304 47.44 -8.96 -22.17
CA ILE D 304 48.36 -10.01 -21.77
C ILE D 304 47.90 -11.39 -22.26
N ILE D 305 46.74 -11.85 -21.79
CA ILE D 305 46.22 -13.15 -22.24
C ILE D 305 46.20 -13.24 -23.76
N ARG D 306 45.69 -12.20 -24.43
CA ARG D 306 45.67 -12.19 -25.90
C ARG D 306 47.07 -12.38 -26.50
N THR D 307 48.03 -11.63 -25.97
CA THR D 307 49.42 -11.75 -26.36
C THR D 307 49.86 -13.19 -26.20
N LEU D 308 50.07 -13.56 -24.94
CA LEU D 308 50.57 -14.88 -24.52
C LEU D 308 49.88 -16.06 -25.22
N LEU D 309 48.61 -15.91 -25.57
CA LEU D 309 47.95 -16.89 -26.41
C LEU D 309 48.65 -16.96 -27.75
N LEU D 310 48.69 -15.83 -28.46
CA LEU D 310 49.31 -15.74 -29.80
C LEU D 310 50.74 -16.28 -29.84
N LYS D 311 51.56 -15.89 -28.88
CA LYS D 311 52.94 -16.37 -28.79
C LYS D 311 53.04 -17.90 -28.78
N THR D 312 51.97 -18.57 -28.34
CA THR D 312 51.97 -20.02 -28.22
C THR D 312 51.04 -20.69 -29.24
N TYR D 313 49.78 -20.29 -29.22
CA TYR D 313 48.83 -20.82 -30.20
C TYR D 313 48.83 -19.94 -31.44
N LYS D 314 49.96 -19.92 -32.15
CA LYS D 314 50.02 -19.25 -33.43
C LYS D 314 48.92 -19.88 -34.27
N GLY D 315 48.08 -19.05 -34.86
CA GLY D 315 46.86 -19.54 -35.45
C GLY D 315 45.94 -19.90 -34.30
N ILE D 316 45.48 -18.90 -33.56
CA ILE D 316 44.32 -19.07 -32.68
C ILE D 316 43.36 -17.92 -32.94
N ASP D 317 42.11 -18.25 -33.19
CA ASP D 317 41.14 -17.22 -33.50
C ASP D 317 40.69 -16.55 -32.21
N LEU D 318 41.27 -15.39 -31.90
CA LEU D 318 40.90 -14.66 -30.69
C LEU D 318 39.42 -14.26 -30.70
N ASP D 319 38.76 -14.33 -31.86
CA ASP D 319 37.33 -14.01 -31.95
C ASP D 319 36.43 -15.00 -31.20
N HIS D 320 37.04 -16.06 -30.65
CA HIS D 320 36.28 -17.02 -29.85
C HIS D 320 36.84 -17.12 -28.43
N LEU D 321 37.76 -16.22 -28.10
CA LEU D 321 38.28 -16.14 -26.74
C LEU D 321 37.37 -15.28 -25.89
N LYS D 322 36.81 -15.85 -24.83
CA LYS D 322 35.92 -15.12 -23.93
C LYS D 322 36.49 -14.98 -22.52
N MET D 323 36.96 -13.78 -22.17
CA MET D 323 37.44 -13.56 -20.80
C MET D 323 36.75 -12.41 -20.06
N ILE D 324 36.74 -12.53 -18.74
CA ILE D 324 36.37 -11.41 -17.89
C ILE D 324 37.45 -11.29 -16.85
N ALA D 325 37.91 -10.07 -16.63
CA ALA D 325 38.99 -9.79 -15.69
C ALA D 325 38.53 -8.79 -14.66
N TYR D 326 39.17 -8.78 -13.49
CA TYR D 326 38.99 -7.76 -12.45
C TYR D 326 40.37 -7.44 -11.90
N GLY D 327 41.06 -6.53 -12.59
CA GLY D 327 42.46 -6.31 -12.27
C GLY D 327 43.23 -7.55 -12.64
N ASP D 328 43.98 -8.12 -11.69
CA ASP D 328 44.75 -9.34 -11.95
C ASP D 328 43.85 -10.55 -12.12
N ASP D 329 42.75 -10.57 -11.38
CA ASP D 329 41.92 -11.74 -11.46
C ASP D 329 41.30 -11.89 -12.83
N VAL D 330 41.01 -13.14 -13.18
CA VAL D 330 40.49 -13.48 -14.50
C VAL D 330 39.90 -14.90 -14.57
N ILE D 331 38.82 -15.01 -15.35
CA ILE D 331 38.23 -16.27 -15.72
C ILE D 331 37.98 -16.23 -17.26
N ALA D 332 38.45 -17.26 -17.95
CA ALA D 332 38.56 -17.25 -19.42
C ALA D 332 38.38 -18.63 -20.07
N SER D 333 37.81 -18.63 -21.27
CA SER D 333 37.47 -19.86 -21.96
C SER D 333 37.81 -19.82 -23.46
N TYR D 334 38.29 -20.96 -23.98
CA TYR D 334 38.39 -21.21 -25.41
C TYR D 334 37.95 -22.64 -25.67
N PRO D 335 37.32 -22.91 -26.84
CA PRO D 335 36.82 -24.27 -27.13
C PRO D 335 37.92 -25.33 -27.13
N HIS D 336 39.17 -24.89 -27.07
CA HIS D 336 40.31 -25.78 -27.00
C HIS D 336 41.09 -25.53 -25.72
N GLU D 337 41.50 -26.61 -25.09
CA GLU D 337 42.22 -26.51 -23.85
C GLU D 337 43.57 -25.83 -24.03
N VAL D 338 43.64 -24.57 -23.62
CA VAL D 338 44.92 -23.88 -23.63
C VAL D 338 45.63 -24.36 -22.38
N ASP D 339 46.96 -24.37 -22.42
CA ASP D 339 47.73 -24.98 -21.36
C ASP D 339 48.52 -23.92 -20.59
N ALA D 340 47.93 -23.47 -19.49
CA ALA D 340 48.52 -22.41 -18.68
C ALA D 340 49.92 -22.74 -18.20
N SER D 341 50.24 -24.02 -18.12
CA SER D 341 51.59 -24.41 -17.71
C SER D 341 52.57 -23.72 -18.64
N LEU D 342 52.19 -23.67 -19.91
CA LEU D 342 53.01 -23.06 -20.95
C LEU D 342 52.94 -21.56 -20.77
N LEU D 343 51.74 -20.98 -20.82
CA LEU D 343 51.57 -19.52 -20.76
C LEU D 343 52.49 -18.83 -19.74
N ALA D 344 52.60 -19.45 -18.56
CA ALA D 344 53.46 -18.93 -17.50
C ALA D 344 54.94 -18.85 -17.86
N GLN D 345 55.37 -19.59 -18.88
CA GLN D 345 56.75 -19.47 -19.36
C GLN D 345 56.84 -18.13 -20.11
N SER D 346 56.03 -18.00 -21.16
CA SER D 346 55.95 -16.80 -21.99
C SER D 346 55.78 -15.55 -21.15
N GLY D 347 55.31 -15.74 -19.93
CA GLY D 347 55.15 -14.64 -19.02
C GLY D 347 56.49 -14.05 -18.67
N LYS D 348 57.27 -14.75 -17.86
CA LYS D 348 58.50 -14.22 -17.25
C LYS D 348 59.45 -13.54 -18.22
N ASP D 349 59.16 -13.67 -19.52
CA ASP D 349 59.81 -12.84 -20.53
C ASP D 349 59.28 -11.44 -20.35
N TYR D 350 57.96 -11.32 -20.37
CA TYR D 350 57.31 -10.03 -20.33
C TYR D 350 57.23 -9.46 -18.92
N GLY D 351 58.18 -9.85 -18.06
CA GLY D 351 58.25 -9.37 -16.68
C GLY D 351 57.18 -10.00 -15.80
N LEU D 352 56.28 -10.78 -16.40
CA LEU D 352 55.17 -11.38 -15.66
C LEU D 352 55.40 -12.82 -15.17
N THR D 353 55.30 -13.01 -13.86
CA THR D 353 55.44 -14.34 -13.30
C THR D 353 54.08 -14.85 -12.83
N MET D 354 53.52 -15.81 -13.57
CA MET D 354 52.24 -16.40 -13.23
C MET D 354 52.40 -17.78 -12.62
N THR D 355 51.69 -18.00 -11.52
CA THR D 355 51.64 -19.29 -10.85
C THR D 355 50.29 -19.94 -11.13
N PRO D 356 50.16 -21.26 -10.88
CA PRO D 356 48.87 -21.92 -11.02
C PRO D 356 47.80 -21.34 -10.10
N ALA D 357 46.56 -21.37 -10.56
CA ALA D 357 45.41 -20.91 -9.78
C ALA D 357 45.32 -21.53 -8.37
N ASP D 358 45.15 -20.66 -7.37
CA ASP D 358 44.88 -21.07 -5.99
C ASP D 358 45.98 -21.92 -5.35
N LYS D 359 47.19 -21.37 -5.29
CA LYS D 359 48.30 -21.94 -4.50
C LYS D 359 48.62 -23.43 -4.75
N SER D 360 48.00 -24.03 -5.76
CA SER D 360 48.37 -25.39 -6.19
C SER D 360 49.82 -25.38 -6.64
N ALA D 361 50.54 -26.47 -6.44
CA ALA D 361 51.89 -26.55 -6.97
C ALA D 361 51.80 -26.74 -8.49
N THR D 362 50.98 -27.69 -8.91
CA THR D 362 50.87 -28.08 -10.31
C THR D 362 49.76 -27.30 -11.03
N PHE D 363 49.95 -27.12 -12.33
CA PHE D 363 48.93 -26.50 -13.17
C PHE D 363 47.75 -27.45 -13.40
N GLU D 364 46.85 -27.49 -12.42
CA GLU D 364 45.64 -28.31 -12.55
C GLU D 364 44.73 -27.81 -13.68
N THR D 365 43.95 -28.73 -14.23
CA THR D 365 42.97 -28.37 -15.24
C THR D 365 41.92 -27.53 -14.55
N VAL D 366 41.22 -26.70 -15.28
CA VAL D 366 40.19 -25.88 -14.66
C VAL D 366 38.80 -26.38 -15.03
N THR D 367 37.89 -26.38 -14.06
CA THR D 367 36.50 -26.77 -14.26
C THR D 367 35.57 -25.92 -13.42
N TRP D 368 34.28 -26.09 -13.68
CA TRP D 368 33.25 -25.37 -12.97
C TRP D 368 33.08 -25.91 -11.55
N GLU D 369 34.01 -26.75 -11.12
CA GLU D 369 33.96 -27.25 -9.74
C GLU D 369 35.17 -26.73 -8.96
N ASN D 370 36.22 -26.31 -9.67
CA ASN D 370 37.45 -25.81 -9.02
C ASN D 370 37.91 -24.41 -9.51
N VAL D 371 37.03 -23.70 -10.21
CA VAL D 371 37.42 -22.40 -10.75
C VAL D 371 36.94 -21.31 -9.79
N THR D 372 37.85 -20.40 -9.41
CA THR D 372 37.46 -19.28 -8.54
C THR D 372 37.51 -17.98 -9.32
N PHE D 373 36.69 -17.03 -8.89
CA PHE D 373 36.72 -15.68 -9.43
C PHE D 373 36.20 -14.74 -8.34
N LEU D 374 36.96 -13.67 -8.03
CA LEU D 374 36.65 -12.77 -6.91
C LEU D 374 36.43 -13.56 -5.62
N LYS D 375 37.27 -14.58 -5.45
CA LYS D 375 37.33 -15.45 -4.27
C LYS D 375 36.11 -16.31 -4.07
N ARG D 376 35.35 -16.53 -5.14
CA ARG D 376 34.13 -17.36 -5.07
C ARG D 376 34.18 -18.53 -6.04
N PHE D 377 33.55 -19.63 -5.62
CA PHE D 377 33.50 -20.83 -6.41
C PHE D 377 32.17 -20.83 -7.18
N PHE D 378 31.91 -21.86 -7.99
CA PHE D 378 30.65 -21.93 -8.73
C PHE D 378 29.88 -23.21 -8.33
N ARG D 379 28.64 -23.06 -7.84
CA ARG D 379 27.80 -24.24 -7.48
C ARG D 379 26.36 -24.05 -7.89
N ALA D 380 25.90 -24.85 -8.84
CA ALA D 380 24.52 -24.74 -9.30
C ALA D 380 23.55 -25.05 -8.17
N ASP D 381 22.40 -24.38 -8.16
CA ASP D 381 21.39 -24.68 -7.16
C ASP D 381 20.81 -26.10 -7.34
N GLU D 382 20.60 -26.81 -6.24
CA GLU D 382 20.05 -28.17 -6.28
C GLU D 382 18.68 -28.25 -6.99
N LYS D 383 17.98 -27.12 -6.99
CA LYS D 383 16.58 -27.06 -7.39
C LYS D 383 16.38 -26.31 -8.70
N TYR D 384 17.35 -25.49 -9.10
CA TYR D 384 17.28 -24.76 -10.37
C TYR D 384 18.69 -24.64 -10.95
N PRO D 385 19.11 -25.70 -11.63
CA PRO D 385 20.48 -25.99 -12.06
C PRO D 385 21.11 -24.90 -12.91
N PHE D 386 20.26 -24.06 -13.50
CA PHE D 386 20.68 -22.92 -14.29
C PHE D 386 20.94 -21.68 -13.43
N LEU D 387 20.83 -21.85 -12.11
CA LEU D 387 21.12 -20.78 -11.15
C LEU D 387 22.35 -21.13 -10.33
N ILE D 388 23.40 -20.33 -10.51
CA ILE D 388 24.65 -20.62 -9.85
C ILE D 388 24.84 -19.75 -8.62
N HIS D 389 25.18 -20.41 -7.52
CA HIS D 389 25.62 -19.78 -6.29
C HIS D 389 27.07 -19.39 -6.45
N PRO D 390 27.42 -18.14 -6.12
CA PRO D 390 28.83 -17.78 -5.90
C PRO D 390 29.24 -18.23 -4.48
N VAL D 391 30.26 -19.08 -4.33
CA VAL D 391 30.55 -19.66 -3.01
C VAL D 391 31.85 -19.14 -2.39
N MET D 392 31.72 -18.19 -1.47
CA MET D 392 32.88 -17.83 -0.66
C MET D 392 33.04 -18.94 0.34
N PRO D 393 34.26 -19.49 0.46
CA PRO D 393 34.39 -20.61 1.39
C PRO D 393 34.42 -20.14 2.87
N MET D 394 33.77 -20.91 3.74
CA MET D 394 33.61 -20.53 5.13
C MET D 394 34.88 -20.03 5.80
N LYS D 395 36.01 -20.69 5.52
CA LYS D 395 37.34 -20.28 6.01
C LYS D 395 37.58 -18.75 5.99
N GLU D 396 37.49 -18.15 4.81
CA GLU D 396 37.66 -16.70 4.66
C GLU D 396 36.71 -15.88 5.57
N ILE D 397 35.45 -16.25 5.57
CA ILE D 397 34.48 -15.60 6.43
C ILE D 397 34.88 -15.70 7.90
N HIS D 398 35.31 -16.90 8.29
CA HIS D 398 35.78 -17.15 9.64
C HIS D 398 36.86 -16.13 9.98
N GLU D 399 37.84 -16.04 9.09
CA GLU D 399 38.96 -15.13 9.29
C GLU D 399 38.51 -13.69 9.60
N SER D 400 37.60 -13.18 8.79
CA SER D 400 36.99 -11.86 8.99
C SER D 400 36.33 -11.65 10.33
N ILE D 401 35.54 -12.63 10.79
CA ILE D 401 34.68 -12.39 11.92
C ILE D 401 35.52 -12.32 13.21
N ARG D 402 36.75 -12.80 13.13
CA ARG D 402 37.58 -12.86 14.33
C ARG D 402 38.13 -11.46 14.72
N TRP D 403 38.06 -10.48 13.81
CA TRP D 403 38.51 -9.12 14.13
C TRP D 403 37.44 -8.05 13.95
N THR D 404 37.78 -6.81 14.30
CA THR D 404 36.92 -5.65 14.11
C THR D 404 37.72 -4.36 14.27
N LYS D 405 37.26 -3.31 13.59
CA LYS D 405 37.89 -2.00 13.67
C LYS D 405 37.08 -1.08 14.57
N ASP D 406 35.93 -1.58 15.01
CA ASP D 406 35.02 -0.89 15.91
C ASP D 406 33.81 -1.77 16.21
N PRO D 407 33.77 -2.36 17.40
CA PRO D 407 32.63 -3.20 17.78
C PRO D 407 31.26 -2.56 17.55
N ARG D 408 31.23 -1.24 17.36
CA ARG D 408 29.97 -0.54 17.07
C ARG D 408 29.26 -1.21 15.93
N ASN D 409 30.05 -1.74 14.99
CA ASN D 409 29.49 -2.23 13.74
C ASN D 409 29.29 -3.72 13.77
N THR D 410 29.47 -4.32 14.93
CA THR D 410 29.47 -5.77 15.03
C THR D 410 28.28 -6.38 14.31
N GLN D 411 27.12 -5.79 14.50
CA GLN D 411 25.92 -6.29 13.89
C GLN D 411 26.05 -6.25 12.36
N ASP D 412 26.41 -5.11 11.81
CA ASP D 412 26.54 -4.96 10.35
C ASP D 412 27.63 -5.87 9.77
N HIS D 413 28.80 -5.94 10.41
CA HIS D 413 29.85 -6.87 9.99
C HIS D 413 29.27 -8.25 9.75
N VAL D 414 28.67 -8.80 10.80
CA VAL D 414 28.09 -10.14 10.79
C VAL D 414 26.97 -10.39 9.80
N ARG D 415 26.03 -9.44 9.73
CA ARG D 415 24.94 -9.50 8.76
C ARG D 415 25.55 -9.70 7.35
N SER D 416 26.60 -8.94 7.07
CA SER D 416 27.25 -9.01 5.79
C SER D 416 27.86 -10.38 5.61
N LEU D 417 28.40 -10.98 6.66
CA LEU D 417 29.04 -12.25 6.42
C LEU D 417 28.00 -13.30 6.08
N CYS D 418 26.80 -13.16 6.61
CA CYS D 418 25.81 -14.17 6.36
C CYS D 418 25.42 -14.04 4.89
N LEU D 419 25.34 -12.81 4.42
CA LEU D 419 24.96 -12.60 3.04
C LEU D 419 25.98 -13.23 2.12
N LEU D 420 27.19 -13.45 2.59
CA LEU D 420 28.11 -14.25 1.81
C LEU D 420 27.93 -15.70 2.17
N ALA D 421 27.83 -15.98 3.46
CA ALA D 421 27.99 -17.36 3.92
C ALA D 421 26.98 -18.34 3.35
N TRP D 422 25.74 -17.90 3.21
CA TRP D 422 24.62 -18.82 3.04
C TRP D 422 24.60 -19.55 1.69
N HIS D 423 25.49 -19.20 0.79
CA HIS D 423 25.55 -19.90 -0.47
C HIS D 423 26.24 -21.25 -0.28
N ASN D 424 26.96 -21.43 0.83
CA ASN D 424 27.56 -22.74 1.07
C ASN D 424 26.45 -23.79 1.28
N GLY D 425 25.24 -23.33 1.60
CA GLY D 425 24.08 -24.21 1.79
C GLY D 425 23.53 -24.33 3.22
N GLU D 426 22.20 -24.49 3.35
CA GLU D 426 21.50 -24.60 4.66
C GLU D 426 22.28 -25.24 5.79
N GLU D 427 22.81 -26.43 5.55
CA GLU D 427 23.54 -27.10 6.61
C GLU D 427 24.71 -26.23 7.08
N GLU D 428 25.67 -25.91 6.20
CA GLU D 428 26.80 -25.09 6.66
C GLU D 428 26.35 -23.75 7.28
N TYR D 429 25.33 -23.17 6.68
CA TYR D 429 24.86 -21.87 7.12
C TYR D 429 24.29 -21.92 8.54
N ASN D 430 23.33 -22.81 8.78
CA ASN D 430 22.75 -22.94 10.12
C ASN D 430 23.81 -23.32 11.16
N LYS D 431 24.86 -24.00 10.70
CA LYS D 431 26.00 -24.32 11.56
C LYS D 431 26.69 -23.01 11.97
N PHE D 432 26.76 -22.10 11.00
CA PHE D 432 27.45 -20.84 11.15
C PHE D 432 26.69 -19.94 12.11
N LEU D 433 25.37 -19.94 11.95
CA LEU D 433 24.51 -19.22 12.88
C LEU D 433 24.69 -19.73 14.34
N ALA D 434 24.80 -21.05 14.51
CA ALA D 434 24.82 -21.64 15.85
C ALA D 434 26.11 -21.27 16.55
N LYS D 435 27.20 -21.26 15.81
CA LYS D 435 28.45 -20.81 16.38
C LYS D 435 28.34 -19.35 16.79
N ILE D 436 27.71 -18.52 15.95
CA ILE D 436 27.59 -17.12 16.34
C ILE D 436 26.79 -17.01 17.61
N ARG D 437 25.73 -17.80 17.68
CA ARG D 437 24.82 -17.75 18.81
C ARG D 437 25.40 -18.45 20.02
N SER D 438 26.56 -19.08 19.85
CA SER D 438 27.18 -19.79 20.97
C SER D 438 27.62 -18.83 22.07
N VAL D 439 28.02 -17.62 21.71
CA VAL D 439 28.33 -16.59 22.70
C VAL D 439 27.14 -15.65 22.95
N PRO D 440 27.18 -14.95 24.10
CA PRO D 440 26.04 -14.09 24.45
C PRO D 440 25.82 -12.98 23.46
N ILE D 441 26.92 -12.40 22.99
CA ILE D 441 26.86 -11.29 22.06
C ILE D 441 26.17 -11.74 20.77
N GLY D 442 26.56 -12.90 20.24
CA GLY D 442 25.97 -13.46 19.03
C GLY D 442 24.47 -13.47 19.08
N ARG D 443 23.97 -13.73 20.28
CA ARG D 443 22.54 -13.88 20.55
C ARG D 443 21.88 -12.53 20.65
N ALA D 444 22.68 -11.48 20.50
CA ALA D 444 22.12 -10.14 20.46
C ALA D 444 21.82 -9.74 19.01
N LEU D 445 22.57 -10.30 18.07
CA LEU D 445 22.47 -9.92 16.66
C LEU D 445 21.14 -10.31 16.02
N ASP D 446 20.63 -9.43 15.16
CA ASP D 446 19.48 -9.79 14.33
C ASP D 446 19.99 -10.32 12.98
N LEU D 447 19.88 -11.64 12.80
CA LEU D 447 20.44 -12.31 11.64
C LEU D 447 19.34 -12.85 10.76
N PRO D 448 19.64 -13.08 9.45
CA PRO D 448 18.62 -13.60 8.55
C PRO D 448 18.62 -15.12 8.53
N GLU D 449 17.47 -15.73 8.30
CA GLU D 449 17.42 -17.17 8.15
C GLU D 449 17.74 -17.58 6.72
N TYR D 450 18.01 -18.86 6.50
CA TYR D 450 18.28 -19.36 5.15
C TYR D 450 17.09 -19.14 4.24
N SER D 451 15.92 -19.56 4.69
CA SER D 451 14.73 -19.50 3.89
C SER D 451 14.46 -18.08 3.39
N THR D 452 14.84 -17.10 4.18
CA THR D 452 14.54 -15.73 3.81
C THR D 452 15.51 -15.28 2.75
N LEU D 453 16.77 -15.70 2.90
CA LEU D 453 17.83 -15.31 1.98
C LEU D 453 17.68 -16.00 0.62
N TYR D 454 17.35 -17.30 0.67
CA TYR D 454 17.09 -18.11 -0.53
C TYR D 454 15.88 -17.59 -1.33
N ARG D 455 14.79 -17.30 -0.62
CA ARG D 455 13.61 -16.60 -1.16
C ARG D 455 14.05 -15.35 -1.87
N ARG D 456 14.78 -14.51 -1.14
CA ARG D 456 15.26 -13.23 -1.65
C ARG D 456 16.08 -13.40 -2.92
N TRP D 457 16.92 -14.43 -2.97
CA TRP D 457 17.72 -14.72 -4.14
C TRP D 457 16.85 -14.95 -5.38
N LEU D 458 16.06 -16.04 -5.33
CA LEU D 458 15.13 -16.39 -6.40
C LEU D 458 14.26 -15.20 -6.82
N ASP D 459 13.63 -14.55 -5.83
CA ASP D 459 12.84 -13.34 -6.05
C ASP D 459 13.54 -12.36 -6.97
N SER D 460 14.87 -12.29 -6.88
CA SER D 460 15.59 -11.17 -7.49
C SER D 460 15.99 -11.47 -8.94
N PHE D 461 15.82 -12.72 -9.37
CA PHE D 461 15.90 -13.09 -10.79
C PHE D 461 14.60 -12.73 -11.50
N GLY D 462 13.47 -12.82 -10.78
CA GLY D 462 12.25 -12.11 -11.13
C GLY D 462 12.60 -10.75 -11.74
#